data_6WPN
#
_entry.id   6WPN
#
_cell.length_a   59.947
_cell.length_b   69.525
_cell.length_c   83.721
_cell.angle_alpha   90.000
_cell.angle_beta   94.702
_cell.angle_gamma   90.000
#
_symmetry.space_group_name_H-M   'P 1 21 1'
#
loop_
_entity.id
_entity.type
_entity.pdbx_description
1 polymer 'Substrate-binding protein'
2 non-polymer 1,2-ETHANEDIOL
3 non-polymer GLYCEROL
4 water water
#
_entity_poly.entity_id   1
_entity_poly.type   'polypeptide(L)'
_entity_poly.pdbx_seq_one_letter_code
;(MSE)GSSHHHHHHSSGLVPRGS(MSE)RGSH(MSE)PEGTLQLWTLQLAPKFNPY(MSE)DDVLGSWDKLHPEALVRWT
DLPWGSVERKLLAAVFARTAPDVVNLNPPFAANLASKGGLTDLTALLPPGAEQNYLPSVWEAARDPEAGQIAIPWYLTVR
LSLVNGDLLRQAGLSRAPRRWDEVPAYARSIRERTGRYGLFVTVVPDDSAELLESFVQ(MSE)GVSLLDARQRAAFNTPA
GRKAFAFWTDLYREGLLPREVVSQGQRRAIELYQSGELALLASGAEFLRSIQTNAPGVAAVTTPQPPLTGSDGTANVAL
(MSE)TLAVPRQSQQAGEAVELALFLTNGTNQARFAREARVLPSSLEALSAIRAELEVEQPSNPAEAQIRDARLLSAETL
NTARVLVPATPGVKRLQSIIYTQLQRA(MSE)LGQISSDQAVLEAEQQWNRYASARWP
;
_entity_poly.pdbx_strand_id   A,B
#
loop_
_chem_comp.id
_chem_comp.type
_chem_comp.name
_chem_comp.formula
EDO non-polymer 1,2-ETHANEDIOL 'C2 H6 O2'
GOL non-polymer GLYCEROL 'C3 H8 O3'
#
# COMPACT_ATOMS: atom_id res chain seq x y z
N THR A 29 -30.75 4.96 6.33
CA THR A 29 -30.05 3.73 5.99
C THR A 29 -28.66 3.66 6.60
N LEU A 30 -28.20 2.45 6.88
CA LEU A 30 -26.88 2.22 7.43
C LEU A 30 -25.96 1.69 6.33
N GLN A 31 -24.68 2.05 6.42
CA GLN A 31 -23.68 1.54 5.50
C GLN A 31 -22.72 0.64 6.28
N LEU A 32 -22.63 -0.62 5.86
CA LEU A 32 -21.74 -1.60 6.48
C LEU A 32 -20.51 -1.79 5.59
N TRP A 33 -19.34 -1.77 6.21
CA TRP A 33 -18.06 -1.93 5.52
C TRP A 33 -17.39 -3.20 6.03
N THR A 34 -17.15 -4.15 5.14
CA THR A 34 -16.49 -5.40 5.50
C THR A 34 -15.18 -5.54 4.73
N LEU A 35 -14.32 -6.43 5.21
CA LEU A 35 -12.97 -6.59 4.69
C LEU A 35 -12.84 -7.93 3.98
N GLN A 36 -12.50 -7.88 2.69
CA GLN A 36 -12.16 -9.05 1.87
C GLN A 36 -13.12 -10.21 2.11
N LEU A 37 -14.40 -9.94 1.87
CA LEU A 37 -15.45 -10.95 1.98
C LEU A 37 -16.08 -11.25 0.63
N PRO A 39 -16.68 -12.00 -2.44
CA PRO A 39 -17.32 -12.82 -3.48
C PRO A 39 -17.86 -14.14 -2.92
N LYS A 40 -17.01 -14.89 -2.24
CA LYS A 40 -17.37 -16.23 -1.76
C LYS A 40 -18.45 -16.21 -0.70
N PHE A 41 -18.67 -15.09 -0.01
CA PHE A 41 -19.64 -15.03 1.07
C PHE A 41 -20.79 -14.08 0.79
N ASN A 42 -21.06 -13.80 -0.49
CA ASN A 42 -22.24 -13.02 -0.85
C ASN A 42 -23.53 -13.66 -0.38
N PRO A 43 -23.78 -14.97 -0.58
CA PRO A 43 -25.05 -15.54 -0.10
C PRO A 43 -25.28 -15.39 1.40
N TYR A 44 -24.26 -15.64 2.23
CA TYR A 44 -24.40 -15.42 3.66
C TYR A 44 -24.82 -14.00 3.95
N MSE A 45 -24.09 -13.02 3.41
CA MSE A 45 -24.39 -11.61 3.66
C MSE A 45 -25.76 -11.23 3.10
O MSE A 45 -26.47 -10.42 3.69
CB MSE A 45 -23.31 -10.73 3.05
CG MSE A 45 -21.92 -10.91 3.67
SE MSE A 45 -21.82 -10.39 5.55
CE MSE A 45 -22.62 -8.62 5.43
N ASP A 46 -26.13 -11.83 1.96
CA ASP A 46 -27.42 -11.52 1.35
C ASP A 46 -28.57 -11.94 2.24
N ASP A 47 -28.43 -13.06 2.94
CA ASP A 47 -29.50 -13.54 3.82
C ASP A 47 -29.53 -12.78 5.14
N VAL A 48 -28.39 -12.66 5.82
CA VAL A 48 -28.36 -12.07 7.15
C VAL A 48 -28.77 -10.59 7.09
N LEU A 49 -28.20 -9.84 6.13
CA LEU A 49 -28.62 -8.46 5.96
C LEU A 49 -30.08 -8.38 5.53
N GLY A 50 -30.51 -9.33 4.70
CA GLY A 50 -31.93 -9.43 4.38
C GLY A 50 -32.78 -9.62 5.63
N SER A 51 -32.36 -10.52 6.52
CA SER A 51 -33.05 -10.69 7.80
C SER A 51 -33.04 -9.39 8.58
N TRP A 52 -31.90 -8.70 8.63
CA TRP A 52 -31.84 -7.40 9.29
C TRP A 52 -32.84 -6.42 8.68
N ASP A 53 -32.89 -6.36 7.35
CA ASP A 53 -33.81 -5.43 6.68
C ASP A 53 -35.26 -5.76 7.01
N LYS A 54 -35.59 -7.05 7.14
CA LYS A 54 -36.94 -7.43 7.54
C LYS A 54 -37.21 -7.04 8.99
N LEU A 55 -36.20 -7.10 9.85
CA LEU A 55 -36.40 -6.75 11.25
C LEU A 55 -36.38 -5.24 11.45
N HIS A 56 -35.52 -4.53 10.73
CA HIS A 56 -35.33 -3.09 10.91
C HIS A 56 -35.50 -2.37 9.58
N PRO A 57 -36.75 -2.21 9.12
CA PRO A 57 -36.97 -1.42 7.89
C PRO A 57 -36.57 0.04 8.02
N GLU A 58 -36.47 0.55 9.24
CA GLU A 58 -36.10 1.95 9.46
C GLU A 58 -34.62 2.22 9.30
N ALA A 59 -33.80 1.17 9.11
CA ALA A 59 -32.36 1.32 8.99
C ALA A 59 -31.85 0.22 8.04
N LEU A 60 -32.22 0.35 6.77
CA LEU A 60 -31.79 -0.59 5.76
C LEU A 60 -30.27 -0.49 5.57
N VAL A 61 -29.65 -1.63 5.32
CA VAL A 61 -28.19 -1.72 5.23
C VAL A 61 -27.77 -1.70 3.77
N ARG A 62 -26.83 -0.83 3.43
CA ARG A 62 -26.15 -0.85 2.14
C ARG A 62 -24.72 -1.32 2.38
N TRP A 63 -24.40 -2.51 1.86
CA TRP A 63 -23.17 -3.21 2.14
C TRP A 63 -22.11 -2.93 1.07
N THR A 64 -20.90 -2.60 1.50
CA THR A 64 -19.75 -2.44 0.62
C THR A 64 -18.58 -3.22 1.20
N ASP A 65 -17.95 -4.05 0.38
CA ASP A 65 -16.80 -4.85 0.79
C ASP A 65 -15.53 -4.30 0.14
N LEU A 66 -14.49 -4.10 0.94
CA LEU A 66 -13.25 -3.46 0.52
C LEU A 66 -12.04 -4.30 0.93
N PRO A 67 -10.89 -4.10 0.26
CA PRO A 67 -9.65 -4.77 0.67
C PRO A 67 -8.84 -3.94 1.67
N SER A 70 -5.82 -0.90 2.63
CA SER A 70 -6.51 -0.02 1.70
C SER A 70 -7.88 0.41 2.25
N VAL A 71 -8.04 0.23 3.55
CA VAL A 71 -9.30 0.60 4.20
C VAL A 71 -9.28 2.03 4.72
N GLU A 72 -8.11 2.55 5.10
CA GLU A 72 -8.03 3.89 5.68
C GLU A 72 -8.28 4.98 4.63
N ARG A 73 -7.81 4.78 3.40
CA ARG A 73 -8.02 5.79 2.37
C ARG A 73 -9.51 6.01 2.12
N LYS A 74 -10.30 4.94 2.15
CA LYS A 74 -11.72 5.04 1.84
C LYS A 74 -12.51 5.59 3.02
N LEU A 75 -12.10 5.27 4.26
CA LEU A 75 -12.73 5.87 5.43
C LEU A 75 -12.49 7.37 5.50
N LEU A 76 -11.27 7.80 5.16
CA LEU A 76 -10.97 9.24 5.17
C LEU A 76 -11.82 10.00 4.16
N ALA A 77 -12.03 9.42 2.97
CA ALA A 77 -12.85 10.09 1.97
C ALA A 77 -14.29 10.23 2.45
N ALA A 78 -14.83 9.20 3.09
CA ALA A 78 -16.22 9.25 3.54
C ALA A 78 -16.39 10.22 4.72
N VAL A 79 -15.40 10.28 5.61
CA VAL A 79 -15.48 11.17 6.76
C VAL A 79 -15.27 12.61 6.31
N PHE A 80 -14.44 12.82 5.29
CA PHE A 80 -14.27 14.15 4.72
C PHE A 80 -15.58 14.68 4.14
N ALA A 81 -16.38 13.80 3.55
CA ALA A 81 -17.68 14.17 3.03
C ALA A 81 -18.78 14.15 4.09
N ARG A 82 -18.45 13.91 5.35
CA ARG A 82 -19.44 13.80 6.41
C ARG A 82 -20.49 12.75 6.07
N THR A 83 -20.03 11.63 5.51
CA THR A 83 -20.87 10.46 5.22
C THR A 83 -20.17 9.21 5.73
N ALA A 84 -19.69 9.27 6.96
CA ALA A 84 -18.92 8.17 7.52
C ALA A 84 -19.80 6.93 7.66
N PRO A 85 -19.26 5.74 7.42
CA PRO A 85 -20.05 4.52 7.56
C PRO A 85 -20.44 4.32 9.03
N ASP A 86 -21.46 3.48 9.22
CA ASP A 86 -21.97 3.29 10.57
C ASP A 86 -21.32 2.11 11.30
N VAL A 87 -21.03 1.02 10.59
CA VAL A 87 -20.31 -0.12 11.15
C VAL A 87 -19.15 -0.45 10.23
N VAL A 88 -17.95 -0.52 10.79
CA VAL A 88 -16.75 -0.79 10.01
C VAL A 88 -16.09 -2.04 10.56
N ASN A 89 -15.63 -2.89 9.65
CA ASN A 89 -14.95 -4.14 10.00
C ASN A 89 -13.45 -3.86 10.15
N LEU A 90 -12.91 -4.14 11.33
CA LEU A 90 -11.52 -3.83 11.63
C LEU A 90 -10.83 -5.05 12.22
N ASN A 91 -9.51 -4.93 12.37
CA ASN A 91 -8.67 -5.87 13.08
C ASN A 91 -7.90 -5.10 14.16
N PRO A 92 -7.40 -5.79 15.18
CA PRO A 92 -6.79 -5.09 16.34
C PRO A 92 -5.74 -4.06 15.92
N PRO A 93 -4.81 -4.37 14.99
CA PRO A 93 -3.83 -3.32 14.62
C PRO A 93 -4.46 -2.07 14.05
N PHE A 94 -5.30 -2.19 13.03
CA PHE A 94 -5.89 -1.00 12.42
C PHE A 94 -6.85 -0.29 13.37
N ALA A 95 -7.54 -1.04 14.23
CA ALA A 95 -8.44 -0.42 15.19
C ALA A 95 -7.70 0.46 16.17
N ALA A 96 -6.47 0.10 16.52
CA ALA A 96 -5.68 0.92 17.44
C ALA A 96 -5.25 2.23 16.80
N ASN A 97 -4.84 2.18 15.52
CA ASN A 97 -4.51 3.42 14.81
C ASN A 97 -5.69 4.38 14.78
N LEU A 98 -6.90 3.87 14.55
CA LEU A 98 -8.07 4.73 14.49
C LEU A 98 -8.49 5.21 15.87
N ALA A 99 -8.38 4.35 16.89
CA ALA A 99 -8.89 4.73 18.20
C ALA A 99 -7.96 5.69 18.93
N SER A 100 -6.67 5.65 18.65
CA SER A 100 -5.76 6.62 19.24
C SER A 100 -6.07 8.04 18.77
N LYS A 101 -6.82 8.17 17.68
CA LYS A 101 -7.18 9.47 17.11
C LYS A 101 -8.62 9.86 17.41
N GLY A 102 -9.29 9.17 18.34
CA GLY A 102 -10.65 9.52 18.70
C GLY A 102 -11.69 9.28 17.63
N GLY A 103 -11.45 8.35 16.72
CA GLY A 103 -12.37 8.09 15.62
C GLY A 103 -13.42 7.03 15.85
N LEU A 104 -13.35 6.28 16.94
CA LEU A 104 -14.30 5.20 17.19
C LEU A 104 -15.17 5.53 18.39
N THR A 105 -16.45 5.17 18.29
CA THR A 105 -17.38 5.42 19.39
C THR A 105 -17.07 4.48 20.54
N ASP A 106 -17.07 5.01 21.75
CA ASP A 106 -17.04 4.17 22.94
C ASP A 106 -18.40 3.51 23.07
N LEU A 107 -18.45 2.21 22.77
CA LEU A 107 -19.72 1.49 22.73
C LEU A 107 -20.28 1.20 24.11
N THR A 108 -19.45 1.27 25.15
CA THR A 108 -19.91 0.96 26.50
C THR A 108 -21.16 1.75 26.86
N ALA A 109 -21.27 2.99 26.39
CA ALA A 109 -22.44 3.79 26.69
C ALA A 109 -23.70 3.25 26.02
N LEU A 110 -23.56 2.69 24.82
CA LEU A 110 -24.71 2.21 24.06
C LEU A 110 -24.93 0.71 24.18
N LEU A 111 -23.95 -0.05 24.66
CA LEU A 111 -24.09 -1.49 24.72
C LEU A 111 -25.11 -1.87 25.79
N PRO A 112 -25.97 -2.85 25.50
CA PRO A 112 -26.89 -3.32 26.53
C PRO A 112 -26.12 -3.94 27.68
N PRO A 113 -26.63 -3.84 28.90
CA PRO A 113 -25.95 -4.47 30.03
C PRO A 113 -25.88 -5.98 29.83
N GLY A 114 -24.71 -6.55 30.13
CA GLY A 114 -24.53 -7.97 29.94
C GLY A 114 -24.36 -8.39 28.50
N ALA A 115 -23.97 -7.47 27.62
CA ALA A 115 -23.71 -7.84 26.24
C ALA A 115 -22.37 -8.55 26.11
N GLU A 116 -21.39 -8.17 26.94
CA GLU A 116 -20.10 -8.84 26.95
C GLU A 116 -20.19 -10.28 27.44
N GLN A 117 -21.27 -10.62 28.16
CA GLN A 117 -21.45 -12.00 28.62
C GLN A 117 -21.60 -12.97 27.46
N ASN A 118 -22.06 -12.49 26.31
CA ASN A 118 -22.30 -13.34 25.15
C ASN A 118 -21.03 -13.61 24.33
N TYR A 119 -19.91 -12.97 24.65
CA TYR A 119 -18.69 -13.11 23.87
C TYR A 119 -17.60 -13.75 24.71
N LEU A 120 -16.63 -14.33 24.02
CA LEU A 120 -15.45 -14.88 24.67
C LEU A 120 -14.72 -13.75 25.39
N PRO A 121 -14.48 -13.85 26.70
CA PRO A 121 -13.87 -12.72 27.43
C PRO A 121 -12.50 -12.34 26.89
N SER A 122 -11.66 -13.33 26.56
CA SER A 122 -10.33 -13.03 26.06
C SER A 122 -10.38 -12.19 24.79
N VAL A 123 -11.36 -12.44 23.92
CA VAL A 123 -11.44 -11.72 22.66
C VAL A 123 -12.26 -10.44 22.78
N TRP A 124 -13.19 -10.38 23.73
CA TRP A 124 -13.95 -9.15 23.95
C TRP A 124 -13.05 -8.05 24.50
N GLU A 125 -12.15 -8.42 25.41
CA GLU A 125 -11.22 -7.49 26.04
C GLU A 125 -10.05 -7.13 25.14
N ALA A 126 -9.96 -7.75 23.96
CA ALA A 126 -8.92 -7.44 22.98
C ALA A 126 -9.16 -6.12 22.25
N ALA A 127 -9.95 -5.22 22.82
CA ALA A 127 -10.20 -3.90 22.23
C ALA A 127 -10.05 -2.80 23.27
N GLU A 131 -7.81 1.08 25.77
CA GLU A 131 -6.95 2.26 25.92
C GLU A 131 -7.77 3.51 25.57
N ALA A 132 -8.83 3.28 24.81
CA ALA A 132 -9.80 4.31 24.42
C ALA A 132 -11.21 3.86 24.76
N GLY A 133 -11.34 2.84 25.60
CA GLY A 133 -12.62 2.24 25.94
C GLY A 133 -12.94 1.06 25.05
N GLN A 134 -14.20 0.67 25.05
CA GLN A 134 -14.67 -0.43 24.21
C GLN A 134 -14.97 0.11 22.83
N ILE A 135 -14.02 -0.02 21.91
CA ILE A 135 -14.13 0.57 20.58
C ILE A 135 -14.63 -0.40 19.53
N ALA A 136 -14.79 -1.68 19.85
CA ALA A 136 -15.19 -2.64 18.83
C ALA A 136 -15.87 -3.83 19.47
N ILE A 137 -16.72 -4.48 18.69
CA ILE A 137 -17.39 -5.71 19.07
C ILE A 137 -16.69 -6.86 18.33
N PRO A 138 -16.30 -7.93 19.01
CA PRO A 138 -15.65 -9.04 18.32
C PRO A 138 -16.62 -9.72 17.36
N TRP A 139 -16.11 -10.09 16.19
CA TRP A 139 -16.91 -10.81 15.21
C TRP A 139 -16.40 -12.25 15.13
N TYR A 140 -15.72 -12.60 14.05
CA TYR A 140 -15.17 -13.94 13.90
C TYR A 140 -13.64 -13.91 14.03
N LEU A 141 -13.06 -15.10 14.03
CA LEU A 141 -11.61 -15.23 14.15
C LEU A 141 -11.15 -16.50 13.44
N THR A 142 -9.89 -16.48 13.04
CA THR A 142 -9.28 -17.59 12.31
C THR A 142 -8.00 -18.01 13.01
N VAL A 143 -7.85 -19.31 13.22
CA VAL A 143 -6.59 -19.91 13.63
C VAL A 143 -6.05 -20.66 12.41
N ARG A 144 -4.95 -20.17 11.85
CA ARG A 144 -4.36 -20.80 10.68
C ARG A 144 -3.56 -22.04 11.07
N LEU A 145 -3.71 -23.11 10.29
CA LEU A 145 -3.01 -24.35 10.52
C LEU A 145 -1.85 -24.50 9.54
N SER A 146 -1.14 -25.62 9.66
CA SER A 146 -0.11 -26.02 8.71
C SER A 146 -0.71 -27.08 7.78
N LEU A 147 -0.97 -26.70 6.53
CA LEU A 147 -1.38 -27.67 5.53
C LEU A 147 -0.14 -28.33 4.94
N VAL A 148 0.04 -29.62 5.23
CA VAL A 148 1.28 -30.33 4.90
C VAL A 148 1.04 -31.27 3.75
N ASN A 149 1.84 -31.14 2.69
CA ASN A 149 1.83 -32.09 1.58
C ASN A 149 2.58 -33.35 2.00
N GLY A 150 1.83 -34.38 2.38
CA GLY A 150 2.46 -35.60 2.88
C GLY A 150 3.25 -36.34 1.82
N ASP A 151 2.87 -36.18 0.56
CA ASP A 151 3.58 -36.86 -0.50
C ASP A 151 4.98 -36.26 -0.70
N LEU A 152 5.11 -34.94 -0.59
CA LEU A 152 6.42 -34.32 -0.66
C LEU A 152 7.29 -34.75 0.53
N LEU A 153 6.68 -34.95 1.70
CA LEU A 153 7.44 -35.38 2.87
C LEU A 153 8.05 -36.75 2.64
N ARG A 154 7.27 -37.70 2.12
CA ARG A 154 7.81 -39.02 1.83
C ARG A 154 8.91 -38.96 0.76
N GLN A 155 8.75 -38.09 -0.24
CA GLN A 155 9.81 -37.90 -1.24
C GLN A 155 11.08 -37.37 -0.59
N ALA A 156 10.97 -36.53 0.43
CA ALA A 156 12.14 -36.00 1.13
C ALA A 156 12.66 -36.93 2.22
N GLY A 157 12.04 -38.09 2.41
CA GLY A 157 12.48 -38.97 3.48
C GLY A 157 12.10 -38.46 4.85
N LEU A 158 10.96 -37.79 4.96
CA LEU A 158 10.47 -37.26 6.22
C LEU A 158 9.13 -37.88 6.56
N SER A 159 8.84 -37.98 7.85
CA SER A 159 7.58 -38.55 8.30
C SER A 159 6.59 -37.53 8.83
N ARG A 160 7.04 -36.32 9.18
CA ARG A 160 6.12 -35.28 9.60
C ARG A 160 6.80 -33.92 9.48
N ALA A 161 5.98 -32.87 9.54
CA ALA A 161 6.43 -31.49 9.45
C ALA A 161 6.76 -30.95 10.84
N PRO A 162 7.71 -30.03 10.93
CA PRO A 162 8.06 -29.46 12.23
C PRO A 162 6.92 -28.61 12.78
N ARG A 163 6.94 -28.43 14.09
CA ARG A 163 5.93 -27.62 14.75
C ARG A 163 6.51 -26.41 15.46
N ARG A 164 7.82 -26.32 15.60
CA ARG A 164 8.47 -25.16 16.18
C ARG A 164 9.48 -24.59 15.19
N TRP A 165 9.73 -23.28 15.29
CA TRP A 165 10.54 -22.58 14.30
C TRP A 165 11.99 -23.06 14.27
N ASP A 166 12.56 -23.44 15.43
CA ASP A 166 13.95 -23.88 15.41
C ASP A 166 14.15 -25.23 14.72
N GLU A 167 13.08 -25.91 14.34
CA GLU A 167 13.15 -27.12 13.54
C GLU A 167 12.92 -26.87 12.06
N VAL A 168 12.59 -25.63 11.69
CA VAL A 168 12.31 -25.27 10.30
C VAL A 168 13.54 -25.37 9.41
N PRO A 169 14.72 -24.86 9.80
CA PRO A 169 15.88 -24.97 8.89
C PRO A 169 16.22 -26.39 8.48
N ALA A 170 16.39 -27.30 9.45
CA ALA A 170 16.71 -28.69 9.12
C ALA A 170 15.64 -29.30 8.23
N TYR A 171 14.38 -29.02 8.50
CA TYR A 171 13.28 -29.50 7.67
C TYR A 171 13.36 -28.92 6.26
N ALA A 172 13.54 -27.61 6.16
CA ALA A 172 13.56 -26.95 4.85
C ALA A 172 14.70 -27.48 3.98
N ARG A 173 15.87 -27.73 4.58
CA ARG A 173 16.98 -28.30 3.82
C ARG A 173 16.62 -29.66 3.26
N SER A 174 16.01 -30.53 4.07
CA SER A 174 15.67 -31.86 3.61
C SER A 174 14.70 -31.81 2.43
N ILE A 175 13.77 -30.87 2.45
CA ILE A 175 12.84 -30.73 1.32
C ILE A 175 13.57 -30.19 0.10
N ARG A 176 14.47 -29.21 0.30
CA ARG A 176 15.12 -28.56 -0.82
C ARG A 176 16.03 -29.51 -1.59
N GLU A 177 16.80 -30.32 -0.88
CA GLU A 177 17.83 -31.10 -1.53
C GLU A 177 17.33 -32.44 -2.04
N ARG A 178 16.35 -33.04 -1.37
CA ARG A 178 15.89 -34.35 -1.80
C ARG A 178 14.71 -34.30 -2.76
N THR A 179 13.94 -33.21 -2.76
CA THR A 179 12.81 -33.08 -3.68
C THR A 179 12.92 -31.89 -4.62
N GLY A 180 13.79 -30.93 -4.35
CA GLY A 180 13.87 -29.73 -5.13
C GLY A 180 12.77 -28.73 -4.87
N ARG A 181 11.74 -29.11 -4.13
CA ARG A 181 10.64 -28.21 -3.82
C ARG A 181 10.98 -27.42 -2.56
N TYR A 182 10.07 -26.54 -2.16
CA TYR A 182 10.31 -25.64 -1.03
C TYR A 182 9.52 -26.08 0.19
N GLY A 183 10.14 -25.93 1.36
CA GLY A 183 9.50 -26.37 2.60
C GLY A 183 8.43 -25.41 3.11
N LEU A 184 8.60 -24.11 2.89
CA LEU A 184 7.64 -23.13 3.37
C LEU A 184 7.78 -21.85 2.56
N PHE A 185 6.85 -20.93 2.81
CA PHE A 185 6.78 -19.67 2.05
C PHE A 185 6.26 -18.61 3.00
N VAL A 186 7.12 -17.71 3.46
CA VAL A 186 6.71 -16.58 4.28
C VAL A 186 7.11 -15.30 3.55
N THR A 187 6.12 -14.48 3.21
CA THR A 187 6.38 -13.30 2.42
C THR A 187 7.03 -12.20 3.25
N VAL A 188 7.89 -11.43 2.58
CA VAL A 188 8.52 -10.26 3.19
C VAL A 188 8.17 -8.99 2.40
N VAL A 189 7.07 -9.05 1.65
CA VAL A 189 6.51 -7.88 0.97
C VAL A 189 5.93 -6.99 2.07
N PRO A 190 6.40 -5.74 2.20
CA PRO A 190 6.12 -4.96 3.42
C PRO A 190 4.69 -4.97 3.93
N ASP A 191 3.71 -4.63 3.10
CA ASP A 191 2.35 -4.55 3.59
C ASP A 191 1.48 -5.68 3.06
N ASP A 192 1.99 -6.90 3.15
CA ASP A 192 1.21 -8.08 2.81
C ASP A 192 0.96 -8.83 4.11
N SER A 193 1.09 -10.15 4.11
CA SER A 193 0.83 -10.92 5.32
C SER A 193 1.75 -10.50 6.44
N ALA A 194 1.25 -10.59 7.66
CA ALA A 194 2.03 -10.27 8.86
C ALA A 194 2.65 -11.52 9.48
N GLU A 195 2.62 -12.65 8.78
CA GLU A 195 3.12 -13.88 9.35
C GLU A 195 4.59 -13.76 9.72
N LEU A 196 5.36 -13.02 8.92
CA LEU A 196 6.77 -12.85 9.24
C LEU A 196 6.94 -12.06 10.53
N LEU A 197 6.23 -10.94 10.66
CA LEU A 197 6.26 -10.19 11.90
C LEU A 197 5.75 -11.03 13.07
N GLU A 198 4.74 -11.86 12.83
CA GLU A 198 4.26 -12.75 13.88
C GLU A 198 5.31 -13.78 14.26
N SER A 199 6.11 -14.25 13.29
CA SER A 199 7.17 -15.19 13.63
C SER A 199 8.21 -14.55 14.53
N PHE A 200 8.49 -13.26 14.32
CA PHE A 200 9.37 -12.52 15.23
C PHE A 200 8.84 -12.60 16.65
N VAL A 201 7.55 -12.35 16.84
CA VAL A 201 6.97 -12.42 18.18
C VAL A 201 7.05 -13.84 18.72
N GLN A 202 6.82 -14.85 17.87
CA GLN A 202 6.92 -16.24 18.31
C GLN A 202 8.34 -16.63 18.65
N MSE A 203 9.28 -15.90 18.07
CA MSE A 203 10.72 -16.16 18.28
C MSE A 203 11.23 -15.41 19.52
O MSE A 203 12.42 -15.37 19.72
CB MSE A 203 11.50 -15.85 17.03
CG MSE A 203 11.19 -16.79 15.94
SE MSE A 203 12.14 -16.27 14.37
CE MSE A 203 13.92 -16.74 14.85
N GLY A 204 10.32 -14.86 20.32
CA GLY A 204 10.70 -14.15 21.52
C GLY A 204 11.13 -12.70 21.31
N VAL A 205 10.94 -12.15 20.12
CA VAL A 205 11.37 -10.78 19.84
C VAL A 205 10.35 -9.80 20.42
N SER A 206 10.86 -8.77 21.09
CA SER A 206 10.04 -7.66 21.57
C SER A 206 10.13 -6.53 20.54
N LEU A 207 8.99 -6.11 20.01
CA LEU A 207 9.00 -5.12 18.93
C LEU A 207 9.04 -3.69 19.45
N LEU A 208 8.11 -3.31 20.35
CA LEU A 208 8.01 -1.96 20.86
C LEU A 208 8.00 -1.98 22.37
N ASP A 209 8.59 -0.93 22.97
CA ASP A 209 8.48 -0.73 24.40
C ASP A 209 7.33 0.23 24.72
N ALA A 210 7.17 0.54 26.01
CA ALA A 210 6.33 1.65 26.40
C ALA A 210 7.11 2.92 26.10
N ARG A 211 6.56 3.76 25.22
CA ARG A 211 7.13 4.98 24.62
C ARG A 211 7.15 4.80 23.12
N GLN A 212 6.79 3.59 22.66
CA GLN A 212 6.70 3.27 21.24
C GLN A 212 8.06 3.33 20.54
N ARG A 213 9.13 3.14 21.30
CA ARG A 213 10.48 3.13 20.74
C ARG A 213 10.84 1.72 20.29
N ALA A 214 11.81 1.63 19.38
CA ALA A 214 12.25 0.34 18.86
C ALA A 214 12.84 -0.50 19.98
N ALA A 215 12.34 -1.73 20.12
CA ALA A 215 12.82 -2.63 21.16
C ALA A 215 13.40 -3.94 20.60
N PHE A 216 13.53 -4.07 19.28
CA PHE A 216 13.91 -5.35 18.68
C PHE A 216 15.41 -5.48 18.43
N ASN A 217 16.20 -4.45 18.72
CA ASN A 217 17.66 -4.56 18.59
C ASN A 217 18.20 -5.27 19.83
N THR A 218 17.88 -6.55 19.92
CA THR A 218 18.15 -7.40 21.07
C THR A 218 18.74 -8.69 20.56
N PRO A 219 19.19 -9.59 21.45
CA PRO A 219 19.62 -10.91 20.97
C PRO A 219 18.53 -11.66 20.25
N ALA A 220 17.28 -11.51 20.69
CA ALA A 220 16.17 -12.19 20.01
C ALA A 220 15.96 -11.62 18.61
N GLY A 221 15.96 -10.29 18.48
CA GLY A 221 15.74 -9.68 17.17
C GLY A 221 16.85 -9.96 16.20
N ARG A 222 18.11 -9.87 16.64
CA ARG A 222 19.22 -10.18 15.75
C ARG A 222 19.19 -11.65 15.34
N LYS A 223 18.82 -12.53 16.28
CA LYS A 223 18.69 -13.94 15.96
C LYS A 223 17.58 -14.16 14.95
N ALA A 224 16.46 -13.43 15.09
CA ALA A 224 15.35 -13.57 14.16
C ALA A 224 15.70 -13.04 12.78
N PHE A 225 16.39 -11.90 12.71
CA PHE A 225 16.84 -11.38 11.42
C PHE A 225 17.79 -12.35 10.73
N ALA A 226 18.75 -12.89 11.48
CA ALA A 226 19.69 -13.85 10.90
C ALA A 226 18.97 -15.13 10.47
N PHE A 227 17.95 -15.54 11.22
CA PHE A 227 17.18 -16.72 10.86
C PHE A 227 16.64 -16.62 9.43
N TRP A 228 15.93 -15.53 9.14
CA TRP A 228 15.30 -15.38 7.83
C TRP A 228 16.32 -15.05 6.75
N THR A 229 17.34 -14.25 7.09
CA THR A 229 18.38 -13.94 6.12
C THR A 229 19.09 -15.21 5.67
N ASP A 230 19.49 -16.05 6.62
CA ASP A 230 20.24 -17.27 6.28
C ASP A 230 19.39 -18.25 5.51
N LEU A 231 18.11 -18.37 5.85
CA LEU A 231 17.22 -19.25 5.09
C LEU A 231 17.18 -18.84 3.62
N TYR A 232 17.02 -17.55 3.36
CA TYR A 232 16.92 -17.08 1.99
C TYR A 232 18.25 -17.26 1.25
N ARG A 233 19.35 -16.89 1.89
CA ARG A 233 20.64 -16.91 1.22
C ARG A 233 21.07 -18.34 0.87
N GLU A 234 20.63 -19.33 1.64
CA GLU A 234 21.00 -20.71 1.41
C GLU A 234 20.11 -21.41 0.39
N GLY A 235 19.27 -20.67 -0.32
CA GLY A 235 18.41 -21.28 -1.33
C GLY A 235 17.27 -22.10 -0.78
N LEU A 236 16.94 -21.92 0.50
CA LEU A 236 15.91 -22.71 1.15
C LEU A 236 14.52 -22.12 1.00
N LEU A 237 14.42 -20.82 0.77
CA LEU A 237 13.14 -20.19 0.54
C LEU A 237 12.97 -19.87 -0.93
N PRO A 238 11.73 -19.88 -1.43
CA PRO A 238 11.49 -19.45 -2.82
C PRO A 238 12.01 -18.03 -3.01
N ARG A 239 12.60 -17.78 -4.18
CA ARG A 239 13.20 -16.47 -4.40
C ARG A 239 12.16 -15.36 -4.40
N GLU A 240 10.91 -15.68 -4.71
CA GLU A 240 9.89 -14.66 -4.86
C GLU A 240 9.21 -14.31 -3.53
N VAL A 241 9.75 -14.78 -2.40
CA VAL A 241 9.21 -14.32 -1.13
C VAL A 241 9.49 -12.83 -0.92
N VAL A 242 10.54 -12.30 -1.56
CA VAL A 242 10.85 -10.88 -1.45
C VAL A 242 9.99 -10.02 -2.34
N SER A 243 9.19 -10.63 -3.22
CA SER A 243 8.43 -9.84 -4.18
C SER A 243 6.97 -10.25 -4.32
N GLN A 244 6.55 -11.40 -3.80
CA GLN A 244 5.19 -11.88 -3.93
C GLN A 244 4.66 -12.32 -2.57
N GLY A 245 3.34 -12.23 -2.41
CA GLY A 245 2.68 -12.51 -1.15
C GLY A 245 2.12 -13.92 -1.08
N GLN A 246 1.17 -14.10 -0.16
CA GLN A 246 0.64 -15.43 0.14
C GLN A 246 -0.19 -16.01 -0.99
N ARG A 247 -0.63 -15.19 -1.94
CA ARG A 247 -1.30 -15.73 -3.11
C ARG A 247 -0.36 -16.59 -3.94
N ARG A 248 0.92 -16.23 -3.96
CA ARG A 248 1.91 -17.08 -4.62
C ARG A 248 2.14 -18.37 -3.85
N ALA A 249 2.14 -18.30 -2.51
CA ALA A 249 2.25 -19.51 -1.71
C ALA A 249 1.08 -20.44 -1.99
N ILE A 250 -0.13 -19.88 -2.06
CA ILE A 250 -1.31 -20.64 -2.44
C ILE A 250 -1.09 -21.33 -3.77
N GLU A 251 -0.57 -20.59 -4.75
CA GLU A 251 -0.33 -21.15 -6.08
C GLU A 251 0.71 -22.26 -6.04
N LEU A 252 1.74 -22.10 -5.21
CA LEU A 252 2.80 -23.10 -5.18
C LEU A 252 2.31 -24.39 -4.52
N TYR A 253 1.49 -24.27 -3.49
CA TYR A 253 0.98 -25.48 -2.83
C TYR A 253 0.04 -26.25 -3.75
N GLN A 254 -0.86 -25.55 -4.45
CA GLN A 254 -1.77 -26.23 -5.36
C GLN A 254 -1.05 -26.86 -6.54
N SER A 255 0.18 -26.44 -6.82
CA SER A 255 0.97 -27.05 -7.87
C SER A 255 1.83 -28.21 -7.36
N GLY A 256 1.81 -28.47 -6.06
CA GLY A 256 2.67 -29.50 -5.51
C GLY A 256 4.10 -29.06 -5.35
N GLU A 257 4.37 -27.75 -5.32
CA GLU A 257 5.72 -27.22 -5.20
C GLU A 257 6.04 -26.69 -3.82
N LEU A 258 5.09 -26.76 -2.88
CA LEU A 258 5.27 -26.26 -1.52
C LEU A 258 4.84 -27.35 -0.54
N ALA A 259 5.74 -27.73 0.36
CA ALA A 259 5.45 -28.83 1.27
C ALA A 259 4.55 -28.41 2.42
N LEU A 260 4.67 -27.18 2.90
CA LEU A 260 3.86 -26.69 4.00
C LEU A 260 3.27 -25.33 3.63
N LEU A 261 1.97 -25.18 3.83
CA LEU A 261 1.26 -23.93 3.54
C LEU A 261 0.52 -23.51 4.81
N ALA A 262 0.83 -22.32 5.31
CA ALA A 262 0.15 -21.79 6.49
C ALA A 262 -1.21 -21.26 6.04
N SER A 263 -2.28 -22.01 6.35
CA SER A 263 -3.60 -21.63 5.88
C SER A 263 -4.66 -22.31 6.77
N GLY A 264 -5.89 -21.83 6.62
CA GLY A 264 -7.01 -22.31 7.40
C GLY A 264 -7.80 -23.41 6.72
N ALA A 265 -8.93 -23.75 7.35
CA ALA A 265 -9.79 -24.82 6.84
C ALA A 265 -10.55 -24.39 5.59
N GLU A 266 -10.92 -23.10 5.49
CA GLU A 266 -11.75 -22.69 4.36
C GLU A 266 -10.99 -22.79 3.05
N PHE A 267 -9.70 -22.45 3.06
CA PHE A 267 -8.93 -22.61 1.84
C PHE A 267 -8.72 -24.06 1.47
N LEU A 268 -8.84 -24.97 2.44
CA LEU A 268 -8.68 -26.39 2.14
C LEU A 268 -9.77 -26.89 1.19
N ARG A 269 -10.99 -26.33 1.28
N ARG A 269 -10.99 -26.33 1.30
CA ARG A 269 -12.06 -26.77 0.40
CA ARG A 269 -12.07 -26.73 0.41
C ARG A 269 -11.80 -26.34 -1.04
C ARG A 269 -11.78 -26.34 -1.03
N SER A 270 -11.22 -25.14 -1.24
CA SER A 270 -10.89 -24.72 -2.59
C SER A 270 -9.70 -25.50 -3.14
N ILE A 271 -8.79 -25.94 -2.28
CA ILE A 271 -7.74 -26.86 -2.72
C ILE A 271 -8.36 -28.16 -3.19
N GLN A 272 -9.37 -28.66 -2.45
CA GLN A 272 -10.03 -29.90 -2.83
C GLN A 272 -10.62 -29.79 -4.23
N THR A 273 -11.23 -28.65 -4.55
CA THR A 273 -11.86 -28.49 -5.86
C THR A 273 -10.82 -28.14 -6.93
N ASN A 274 -9.86 -27.29 -6.61
CA ASN A 274 -8.92 -26.81 -7.62
C ASN A 274 -7.77 -27.78 -7.87
N ALA A 275 -7.37 -28.55 -6.86
CA ALA A 275 -6.23 -29.47 -6.99
C ALA A 275 -6.49 -30.71 -6.15
N PRO A 276 -7.35 -31.62 -6.63
CA PRO A 276 -7.67 -32.80 -5.81
C PRO A 276 -6.46 -33.68 -5.53
N GLY A 277 -5.50 -33.75 -6.47
CA GLY A 277 -4.32 -34.56 -6.23
C GLY A 277 -3.53 -34.11 -5.01
N VAL A 278 -3.45 -32.79 -4.79
CA VAL A 278 -2.72 -32.27 -3.64
C VAL A 278 -3.56 -32.40 -2.37
N ALA A 279 -4.87 -32.15 -2.46
CA ALA A 279 -5.71 -32.27 -1.27
C ALA A 279 -5.79 -33.72 -0.78
N ALA A 280 -5.69 -34.69 -1.70
CA ALA A 280 -5.76 -36.09 -1.28
C ALA A 280 -4.56 -36.48 -0.43
N VAL A 281 -3.42 -35.80 -0.60
CA VAL A 281 -2.21 -36.05 0.16
C VAL A 281 -1.94 -34.94 1.17
N THR A 282 -2.92 -34.08 1.42
CA THR A 282 -2.81 -32.99 2.38
C THR A 282 -3.37 -33.40 3.73
N THR A 283 -2.63 -33.10 4.80
CA THR A 283 -3.13 -33.31 6.15
C THR A 283 -2.99 -32.02 6.96
N PRO A 284 -4.02 -31.61 7.69
CA PRO A 284 -3.88 -30.42 8.54
C PRO A 284 -3.03 -30.74 9.76
N GLN A 285 -2.21 -29.78 10.16
CA GLN A 285 -1.26 -29.93 11.25
C GLN A 285 -1.24 -28.64 12.07
N PRO A 286 -0.76 -28.70 13.31
CA PRO A 286 -0.69 -27.48 14.12
C PRO A 286 0.20 -26.44 13.46
N PRO A 287 -0.09 -25.16 13.66
CA PRO A 287 0.74 -24.12 13.07
C PRO A 287 2.13 -24.09 13.71
N LEU A 288 3.07 -23.50 13.00
CA LEU A 288 4.40 -23.33 13.56
C LEU A 288 4.35 -22.33 14.71
N THR A 289 5.05 -22.65 15.79
CA THR A 289 5.16 -21.76 16.93
C THR A 289 6.61 -21.67 17.37
N GLY A 290 6.85 -20.83 18.38
CA GLY A 290 8.14 -20.77 19.03
C GLY A 290 8.14 -21.70 20.22
N SER A 291 9.23 -21.62 21.00
CA SER A 291 9.35 -22.50 22.16
C SER A 291 8.24 -22.27 23.18
N ASP A 292 7.59 -21.10 23.14
CA ASP A 292 6.47 -20.81 24.04
C ASP A 292 5.18 -21.49 23.62
N GLY A 293 5.11 -22.05 22.41
CA GLY A 293 3.96 -22.81 21.98
C GLY A 293 2.78 -22.00 21.48
N THR A 294 2.72 -20.70 21.78
CA THR A 294 1.57 -19.89 21.42
C THR A 294 1.40 -19.80 19.91
N ALA A 295 0.18 -20.00 19.45
CA ALA A 295 -0.21 -19.81 18.07
C ALA A 295 -0.92 -18.48 17.89
N ASN A 296 -1.00 -18.02 16.65
CA ASN A 296 -1.61 -16.75 16.33
C ASN A 296 -3.07 -16.92 15.99
N VAL A 297 -3.88 -15.94 16.38
CA VAL A 297 -5.30 -15.91 16.02
C VAL A 297 -5.60 -14.54 15.43
N ALA A 298 -6.21 -14.53 14.25
CA ALA A 298 -6.59 -13.32 13.55
C ALA A 298 -7.98 -12.89 14.01
N LEU A 299 -8.05 -11.76 14.71
CA LEU A 299 -9.32 -11.28 15.25
C LEU A 299 -9.97 -10.28 14.29
N MSE A 300 -11.24 -10.50 13.99
CA MSE A 300 -12.03 -9.57 13.20
C MSE A 300 -13.11 -8.93 14.07
O MSE A 300 -13.83 -9.63 14.77
CB MSE A 300 -12.67 -10.28 12.00
CG MSE A 300 -11.67 -10.96 11.11
SE MSE A 300 -10.31 -9.71 10.46
CE MSE A 300 -11.46 -8.53 9.41
N THR A 301 -13.20 -7.59 14.03
CA THR A 301 -14.12 -6.86 14.88
C THR A 301 -14.98 -5.92 14.05
N LEU A 302 -16.00 -5.36 14.70
CA LEU A 302 -16.88 -4.37 14.10
C LEU A 302 -16.88 -3.14 14.97
N ALA A 303 -16.65 -1.97 14.38
CA ALA A 303 -16.56 -0.72 15.12
C ALA A 303 -17.53 0.31 14.56
N VAL A 304 -17.86 1.31 15.38
CA VAL A 304 -18.78 2.37 15.02
C VAL A 304 -18.05 3.71 15.01
N PRO A 305 -17.83 4.31 13.84
CA PRO A 305 -17.13 5.60 13.80
C PRO A 305 -17.86 6.67 14.60
N ARG A 306 -17.08 7.56 15.22
CA ARG A 306 -17.69 8.60 16.03
C ARG A 306 -18.52 9.56 15.19
N GLN A 307 -18.19 9.73 13.92
CA GLN A 307 -18.99 10.58 13.04
C GLN A 307 -20.35 9.98 12.73
N SER A 308 -20.58 8.71 13.04
CA SER A 308 -21.87 8.10 12.75
C SER A 308 -22.99 8.81 13.48
N GLN A 309 -24.02 9.21 12.75
CA GLN A 309 -25.18 9.89 13.32
C GLN A 309 -26.29 8.91 13.71
N GLN A 310 -26.08 7.62 13.52
CA GLN A 310 -27.01 6.58 13.95
C GLN A 310 -26.29 5.54 14.78
N ALA A 311 -25.56 6.01 15.81
CA ALA A 311 -24.71 5.11 16.59
C ALA A 311 -25.52 4.00 17.24
N GLY A 312 -26.71 4.32 17.77
CA GLY A 312 -27.52 3.30 18.42
C GLY A 312 -27.94 2.19 17.47
N GLU A 313 -28.41 2.56 16.28
CA GLU A 313 -28.76 1.56 15.27
C GLU A 313 -27.52 0.80 14.82
N ALA A 314 -26.38 1.49 14.75
CA ALA A 314 -25.14 0.82 14.35
C ALA A 314 -24.75 -0.24 15.37
N VAL A 315 -24.89 0.06 16.66
CA VAL A 315 -24.60 -0.94 17.68
C VAL A 315 -25.56 -2.11 17.57
N GLU A 316 -26.83 -1.85 17.28
CA GLU A 316 -27.78 -2.94 17.10
C GLU A 316 -27.40 -3.82 15.93
N LEU A 317 -26.94 -3.23 14.83
CA LEU A 317 -26.51 -4.02 13.68
C LEU A 317 -25.29 -4.86 14.01
N ALA A 318 -24.29 -4.26 14.68
CA ALA A 318 -23.11 -5.01 15.04
C ALA A 318 -23.44 -6.14 16.00
N LEU A 319 -24.40 -5.93 16.91
CA LEU A 319 -24.84 -7.00 17.80
C LEU A 319 -25.61 -8.08 17.05
N PHE A 320 -26.43 -7.68 16.07
CA PHE A 320 -27.17 -8.67 15.27
C PHE A 320 -26.23 -9.53 14.45
N LEU A 321 -25.22 -8.92 13.82
CA LEU A 321 -24.28 -9.69 13.00
C LEU A 321 -23.46 -10.64 13.85
N THR A 322 -23.28 -10.34 15.13
CA THR A 322 -22.42 -11.11 16.01
C THR A 322 -23.20 -11.88 17.08
N ASN A 323 -24.49 -12.11 16.87
CA ASN A 323 -25.24 -12.87 17.87
C ASN A 323 -24.94 -14.37 17.70
N GLY A 324 -25.64 -15.20 18.48
CA GLY A 324 -25.37 -16.63 18.44
C GLY A 324 -25.71 -17.25 17.10
N THR A 325 -26.90 -16.95 16.59
CA THR A 325 -27.39 -17.62 15.39
C THR A 325 -26.56 -17.23 14.17
N ASN A 326 -26.30 -15.93 14.00
CA ASN A 326 -25.57 -15.49 12.81
C ASN A 326 -24.11 -15.92 12.85
N GLN A 327 -23.48 -15.87 14.03
CA GLN A 327 -22.08 -16.27 14.12
C GLN A 327 -21.92 -17.77 13.89
N ALA A 328 -22.84 -18.57 14.42
CA ALA A 328 -22.79 -20.01 14.18
C ALA A 328 -22.94 -20.31 12.69
N ARG A 329 -23.91 -19.65 12.04
CA ARG A 329 -24.12 -19.86 10.62
C ARG A 329 -22.91 -19.44 9.80
N PHE A 330 -22.29 -18.30 10.17
CA PHE A 330 -21.09 -17.89 9.45
C PHE A 330 -19.92 -18.82 9.74
N ALA A 331 -19.84 -19.36 10.96
CA ALA A 331 -18.77 -20.32 11.26
C ALA A 331 -18.89 -21.56 10.39
N ARG A 332 -20.12 -22.01 10.12
CA ARG A 332 -20.30 -23.17 9.26
C ARG A 332 -19.95 -22.84 7.81
N GLU A 333 -20.54 -21.77 7.27
CA GLU A 333 -20.37 -21.46 5.85
C GLU A 333 -18.94 -21.03 5.55
N ALA A 334 -18.30 -20.31 6.47
CA ALA A 334 -16.93 -19.85 6.26
C ALA A 334 -15.89 -20.80 6.83
N ARG A 335 -16.30 -21.82 7.58
CA ARG A 335 -15.36 -22.75 8.21
C ARG A 335 -14.36 -21.96 9.05
N VAL A 336 -14.93 -21.08 9.89
CA VAL A 336 -14.20 -20.11 10.68
C VAL A 336 -14.61 -20.25 12.14
N LEU A 337 -13.86 -19.61 13.04
CA LEU A 337 -14.30 -19.75 14.42
C LEU A 337 -15.05 -18.50 14.87
N PRO A 338 -16.13 -18.65 15.63
CA PRO A 338 -16.86 -17.47 16.11
C PRO A 338 -16.33 -17.00 17.46
N SER A 339 -16.68 -15.77 17.80
CA SER A 339 -16.37 -15.21 19.11
C SER A 339 -17.55 -15.28 20.07
N SER A 340 -18.71 -15.73 19.60
CA SER A 340 -19.86 -15.94 20.46
C SER A 340 -19.71 -17.25 21.21
N LEU A 341 -19.94 -17.21 22.52
CA LEU A 341 -19.87 -18.43 23.34
C LEU A 341 -20.90 -19.45 22.89
N GLU A 342 -22.13 -19.00 22.64
CA GLU A 342 -23.18 -19.90 22.18
C GLU A 342 -22.80 -20.56 20.86
N ALA A 343 -22.32 -19.76 19.90
CA ALA A 343 -21.95 -20.28 18.60
C ALA A 343 -20.69 -21.13 18.67
N LEU A 344 -19.70 -20.70 19.47
CA LEU A 344 -18.46 -21.46 19.59
C LEU A 344 -18.71 -22.84 20.16
N SER A 345 -19.51 -22.92 21.23
CA SER A 345 -19.86 -24.22 21.79
C SER A 345 -20.69 -25.04 20.81
N ALA A 346 -21.62 -24.40 20.11
CA ALA A 346 -22.43 -25.12 19.13
C ALA A 346 -21.57 -25.66 17.99
N ILE A 347 -20.59 -24.86 17.53
CA ILE A 347 -19.73 -25.32 16.45
C ILE A 347 -18.81 -26.45 16.92
N ARG A 348 -18.23 -26.30 18.12
N ARG A 348 -18.22 -26.29 18.11
CA ARG A 348 -17.40 -27.36 18.66
CA ARG A 348 -17.41 -27.37 18.67
C ARG A 348 -18.20 -28.65 18.86
C ARG A 348 -18.21 -28.64 18.82
N ALA A 349 -19.48 -28.52 19.23
CA ALA A 349 -20.33 -29.69 19.41
C ALA A 349 -20.65 -30.35 18.08
N GLU A 350 -20.94 -29.56 17.05
CA GLU A 350 -21.24 -30.13 15.75
C GLU A 350 -20.03 -30.87 15.17
N LEU A 351 -18.84 -30.33 15.41
CA LEU A 351 -17.64 -30.97 14.88
C LEU A 351 -17.36 -32.30 15.58
N GLU A 352 -17.60 -32.37 16.89
CA GLU A 352 -17.29 -33.59 17.63
C GLU A 352 -18.19 -34.75 17.25
N VAL A 353 -19.37 -34.49 16.71
CA VAL A 353 -20.34 -35.52 16.35
C VAL A 353 -20.67 -35.53 14.87
N GLU A 354 -19.91 -34.81 14.06
CA GLU A 354 -20.17 -34.80 12.62
C GLU A 354 -19.77 -36.14 12.02
N GLN A 355 -20.60 -36.65 11.11
CA GLN A 355 -20.35 -37.92 10.43
C GLN A 355 -20.09 -37.60 8.96
N PRO A 356 -18.85 -37.35 8.55
CA PRO A 356 -18.60 -36.98 7.17
C PRO A 356 -18.92 -38.13 6.23
N SER A 357 -19.47 -37.79 5.07
CA SER A 357 -19.91 -38.80 4.12
C SER A 357 -18.80 -39.26 3.17
N ASN A 358 -17.73 -38.50 3.05
CA ASN A 358 -16.63 -38.85 2.15
C ASN A 358 -15.34 -38.36 2.76
N PRO A 359 -14.19 -38.84 2.28
CA PRO A 359 -12.92 -38.37 2.84
C PRO A 359 -12.71 -36.86 2.73
N ALA A 360 -13.28 -36.21 1.72
CA ALA A 360 -13.14 -34.76 1.58
C ALA A 360 -13.79 -34.03 2.75
N GLU A 361 -15.02 -34.40 3.09
CA GLU A 361 -15.67 -33.79 4.24
C GLU A 361 -14.94 -34.14 5.53
N ALA A 362 -14.38 -35.35 5.61
CA ALA A 362 -13.62 -35.73 6.79
C ALA A 362 -12.37 -34.87 6.94
N GLN A 363 -11.68 -34.60 5.82
CA GLN A 363 -10.52 -33.72 5.86
C GLN A 363 -10.90 -32.32 6.34
N ILE A 364 -12.01 -31.77 5.81
CA ILE A 364 -12.44 -30.44 6.22
C ILE A 364 -12.82 -30.43 7.69
N ARG A 365 -13.45 -31.51 8.16
CA ARG A 365 -13.79 -31.62 9.56
C ARG A 365 -12.55 -31.69 10.43
N ASP A 366 -11.52 -32.44 9.98
CA ASP A 366 -10.27 -32.53 10.72
C ASP A 366 -9.61 -31.16 10.85
N ALA A 367 -9.66 -30.34 9.80
CA ALA A 367 -9.02 -29.03 9.85
C ALA A 367 -9.79 -28.10 10.79
N ARG A 368 -11.12 -28.06 10.66
CA ARG A 368 -11.91 -27.17 11.52
C ARG A 368 -11.76 -27.55 12.99
N LEU A 369 -11.69 -28.86 13.27
CA LEU A 369 -11.57 -29.30 14.65
C LEU A 369 -10.20 -28.95 15.22
N LEU A 370 -9.15 -29.06 14.39
CA LEU A 370 -7.83 -28.67 14.86
C LEU A 370 -7.74 -27.18 15.14
N SER A 371 -8.39 -26.35 14.30
CA SER A 371 -8.44 -24.91 14.57
C SER A 371 -9.16 -24.62 15.88
N ALA A 372 -10.30 -25.30 16.13
CA ALA A 372 -11.03 -25.03 17.37
C ALA A 372 -10.25 -25.46 18.60
N GLU A 373 -9.47 -26.54 18.49
CA GLU A 373 -8.66 -27.00 19.61
C GLU A 373 -7.47 -26.08 19.84
N THR A 374 -6.87 -25.58 18.76
CA THR A 374 -5.71 -24.68 18.84
C THR A 374 -6.09 -23.34 19.46
N LEU A 375 -7.34 -22.91 19.30
CA LEU A 375 -7.79 -21.63 19.84
C LEU A 375 -7.56 -21.52 21.35
N ASN A 376 -7.60 -22.64 22.08
CA ASN A 376 -7.43 -22.57 23.53
C ASN A 376 -6.02 -22.16 23.91
N THR A 377 -5.06 -22.27 22.99
CA THR A 377 -3.67 -21.93 23.26
C THR A 377 -3.18 -20.80 22.39
N ALA A 378 -4.01 -20.28 21.48
CA ALA A 378 -3.58 -19.23 20.59
C ALA A 378 -3.92 -17.86 21.18
N ARG A 379 -3.07 -16.88 20.87
CA ARG A 379 -3.21 -15.50 21.30
C ARG A 379 -3.04 -14.60 20.09
N VAL A 380 -3.35 -13.32 20.28
CA VAL A 380 -3.13 -12.32 19.24
C VAL A 380 -1.69 -11.86 19.43
N LEU A 381 -0.89 -11.96 18.37
CA LEU A 381 0.54 -11.77 18.51
C LEU A 381 1.02 -10.38 18.08
N VAL A 382 0.51 -9.84 16.99
CA VAL A 382 0.84 -8.45 16.66
C VAL A 382 0.19 -7.56 17.72
N PRO A 383 0.98 -6.82 18.49
CA PRO A 383 0.38 -5.99 19.55
C PRO A 383 -0.52 -4.93 18.96
N ALA A 384 -1.75 -4.86 19.46
CA ALA A 384 -2.73 -3.91 18.96
C ALA A 384 -2.33 -2.49 19.34
N THR A 385 -1.31 -1.97 18.67
CA THR A 385 -0.77 -0.65 18.95
C THR A 385 -0.81 0.22 17.70
N PRO A 386 -0.74 1.55 17.85
CA PRO A 386 -0.73 2.43 16.68
C PRO A 386 0.57 2.34 15.88
N GLY A 387 0.44 2.39 14.56
CA GLY A 387 1.62 2.42 13.71
C GLY A 387 2.38 1.11 13.54
N VAL A 388 1.72 -0.03 13.74
CA VAL A 388 2.42 -1.31 13.63
C VAL A 388 2.68 -1.67 12.17
N LYS A 389 1.87 -1.15 11.24
CA LYS A 389 2.12 -1.41 9.84
C LYS A 389 3.28 -0.58 9.30
N ARG A 390 3.49 0.61 9.85
CA ARG A 390 4.72 1.35 9.55
C ARG A 390 5.93 0.56 10.01
N LEU A 391 5.85 -0.01 11.21
CA LEU A 391 6.93 -0.83 11.75
C LEU A 391 7.15 -2.08 10.90
N GLN A 392 6.06 -2.76 10.52
CA GLN A 392 6.19 -3.94 9.66
C GLN A 392 6.89 -3.59 8.35
N SER A 393 6.51 -2.47 7.74
CA SER A 393 7.11 -2.10 6.46
C SER A 393 8.60 -1.84 6.61
N ILE A 394 9.01 -1.14 7.67
CA ILE A 394 10.43 -0.85 7.87
C ILE A 394 11.21 -2.14 8.08
N ILE A 395 10.67 -3.06 8.88
CA ILE A 395 11.39 -4.30 9.15
C ILE A 395 11.46 -5.15 7.90
N TYR A 396 10.34 -5.31 7.19
CA TYR A 396 10.34 -6.13 5.98
C TYR A 396 11.31 -5.56 4.93
N THR A 397 11.36 -4.23 4.80
CA THR A 397 12.25 -3.61 3.82
C THR A 397 13.71 -3.87 4.14
N GLN A 398 14.10 -3.67 5.40
CA GLN A 398 15.50 -3.90 5.78
C GLN A 398 15.86 -5.38 5.72
N LEU A 399 14.95 -6.25 6.16
CA LEU A 399 15.21 -7.68 6.07
C LEU A 399 15.39 -8.08 4.61
N GLN A 400 14.62 -7.45 3.71
CA GLN A 400 14.72 -7.75 2.30
C GLN A 400 16.09 -7.39 1.75
N ARG A 401 16.65 -6.26 2.19
CA ARG A 401 18.00 -5.90 1.77
C ARG A 401 19.04 -6.90 2.24
N ALA A 402 18.83 -7.50 3.41
CA ALA A 402 19.79 -8.46 3.92
C ALA A 402 19.65 -9.81 3.24
N MSE A 403 18.43 -10.21 2.87
CA MSE A 403 18.20 -11.47 2.19
C MSE A 403 18.82 -11.46 0.80
O MSE A 403 19.38 -12.46 0.36
CB MSE A 403 16.72 -11.77 2.09
CG MSE A 403 16.09 -12.20 3.41
SE MSE A 403 14.15 -12.22 3.27
CE MSE A 403 13.77 -13.92 4.16
N LEU A 404 18.72 -10.32 0.12
CA LEU A 404 19.30 -10.17 -1.21
C LEU A 404 20.80 -9.98 -1.17
N GLY A 405 21.42 -9.99 0.02
CA GLY A 405 22.84 -9.82 0.14
C GLY A 405 23.36 -8.41 -0.06
N GLN A 406 22.49 -7.40 0.04
CA GLN A 406 22.96 -6.03 -0.12
C GLN A 406 23.58 -5.49 1.17
N ILE A 407 23.11 -5.96 2.32
CA ILE A 407 23.68 -5.62 3.62
C ILE A 407 23.66 -6.88 4.50
N SER A 408 24.34 -6.81 5.62
CA SER A 408 24.32 -7.90 6.59
C SER A 408 23.03 -7.86 7.42
N SER A 409 22.78 -8.95 8.14
CA SER A 409 21.60 -9.05 8.99
C SER A 409 21.60 -8.00 10.08
N ASP A 410 22.73 -7.87 10.79
CA ASP A 410 22.84 -6.84 11.83
C ASP A 410 22.71 -5.45 11.25
N GLN A 411 23.20 -5.25 10.02
CA GLN A 411 23.04 -3.96 9.35
C GLN A 411 21.57 -3.67 9.12
N ALA A 412 20.79 -4.69 8.77
CA ALA A 412 19.35 -4.49 8.62
C ALA A 412 18.69 -4.12 9.95
N VAL A 413 19.10 -4.80 11.03
CA VAL A 413 18.56 -4.52 12.36
C VAL A 413 18.80 -3.06 12.73
N LEU A 414 20.03 -2.60 12.54
CA LEU A 414 20.35 -1.22 12.91
C LEU A 414 19.57 -0.23 12.07
N GLU A 415 19.50 -0.47 10.75
CA GLU A 415 18.76 0.44 9.88
C GLU A 415 17.28 0.46 10.26
N ALA A 416 16.70 -0.71 10.54
CA ALA A 416 15.30 -0.75 10.96
C ALA A 416 15.11 -0.02 12.29
N GLU A 417 16.00 -0.26 13.25
CA GLU A 417 15.88 0.41 14.55
C GLU A 417 15.95 1.92 14.40
N GLN A 418 16.91 2.41 13.62
CA GLN A 418 17.08 3.85 13.47
C GLN A 418 15.94 4.48 12.68
N GLN A 419 15.45 3.79 11.64
CA GLN A 419 14.32 4.32 10.88
C GLN A 419 13.04 4.37 11.71
N TRP A 420 12.78 3.32 12.50
CA TRP A 420 11.59 3.34 13.35
C TRP A 420 11.68 4.45 14.39
N ASN A 421 12.85 4.63 15.00
CA ASN A 421 13.00 5.66 16.02
C ASN A 421 12.89 7.06 15.40
N ARG A 422 13.28 7.21 14.14
CA ARG A 422 12.99 8.43 13.40
C ARG A 422 11.50 8.70 13.35
N TYR A 423 10.72 7.69 12.97
CA TYR A 423 9.27 7.82 12.89
C TYR A 423 8.64 8.01 14.28
N ALA A 424 9.13 7.26 15.27
CA ALA A 424 8.50 7.26 16.59
C ALA A 424 8.77 8.54 17.36
N SER A 425 9.93 9.19 17.14
CA SER A 425 10.18 10.44 17.81
C SER A 425 9.31 11.57 17.26
N ALA A 426 8.91 11.46 16.00
CA ALA A 426 8.06 12.50 15.41
C ALA A 426 6.60 12.32 15.80
N ARG A 427 6.13 11.08 15.89
CA ARG A 427 4.72 10.82 16.21
C ARG A 427 4.47 10.86 17.71
N TRP A 428 5.39 10.31 18.51
CA TRP A 428 5.28 10.30 19.97
C TRP A 428 6.56 10.85 20.57
N PRO A 429 6.70 12.19 20.63
CA PRO A 429 7.90 12.83 21.18
C PRO A 429 8.20 12.42 22.62
N THR B 29 -10.29 32.65 10.96
CA THR B 29 -8.94 32.25 10.55
C THR B 29 -8.98 31.03 9.64
N LEU B 30 -7.98 30.93 8.76
CA LEU B 30 -7.84 29.81 7.83
C LEU B 30 -6.76 28.85 8.31
N GLN B 31 -6.97 27.58 7.98
CA GLN B 31 -5.98 26.53 8.26
C GLN B 31 -5.36 26.10 6.93
N LEU B 32 -4.07 26.36 6.78
CA LEU B 32 -3.31 25.99 5.59
C LEU B 32 -2.43 24.79 5.92
N TRP B 33 -2.51 23.75 5.09
CA TRP B 33 -1.70 22.55 5.28
C TRP B 33 -0.79 22.35 4.07
N THR B 34 0.51 22.34 4.32
CA THR B 34 1.53 22.12 3.31
C THR B 34 2.36 20.89 3.68
N LEU B 35 3.09 20.38 2.69
CA LEU B 35 3.85 19.15 2.84
C LEU B 35 5.34 19.45 2.79
N GLN B 36 6.04 19.12 3.87
CA GLN B 36 7.51 19.20 3.97
C GLN B 36 8.06 20.49 3.39
N LEU B 37 7.61 21.60 3.97
CA LEU B 37 8.14 22.92 3.62
C LEU B 37 8.87 23.58 4.78
N ALA B 38 8.69 23.09 6.00
CA ALA B 38 9.33 23.61 7.20
C ALA B 38 10.46 22.69 7.65
N PRO B 39 11.56 23.25 8.17
CA PRO B 39 11.78 24.70 8.24
C PRO B 39 12.46 25.29 7.01
N LYS B 40 12.66 24.50 5.95
CA LYS B 40 13.45 24.96 4.81
C LYS B 40 12.81 26.13 4.08
N PHE B 41 11.49 26.30 4.19
CA PHE B 41 10.79 27.42 3.55
C PHE B 41 10.03 28.27 4.57
N ASN B 42 10.45 28.23 5.83
CA ASN B 42 9.83 29.10 6.83
C ASN B 42 9.93 30.57 6.48
N PRO B 43 11.09 31.12 6.10
CA PRO B 43 11.12 32.55 5.71
C PRO B 43 10.19 32.85 4.54
N TYR B 44 10.20 31.99 3.51
CA TYR B 44 9.29 32.17 2.39
C TYR B 44 7.84 32.24 2.87
N MSE B 45 7.40 31.26 3.63
CA MSE B 45 6.01 31.20 4.07
C MSE B 45 5.69 32.34 5.04
O MSE B 45 4.60 32.90 4.99
CB MSE B 45 5.72 29.85 4.73
CG MSE B 45 4.34 29.30 4.43
SE MSE B 45 4.07 28.93 2.53
CE MSE B 45 5.62 27.79 2.23
N ASP B 46 6.65 32.68 5.90
CA ASP B 46 6.45 33.82 6.80
C ASP B 46 6.19 35.10 6.03
N ASP B 47 6.83 35.27 4.87
CA ASP B 47 6.61 36.46 4.07
C ASP B 47 5.29 36.39 3.31
N VAL B 48 5.06 35.28 2.59
CA VAL B 48 3.87 35.19 1.74
C VAL B 48 2.61 35.23 2.59
N LEU B 49 2.57 34.42 3.66
CA LEU B 49 1.44 34.48 4.57
C LEU B 49 1.33 35.84 5.24
N GLY B 50 2.49 36.46 5.54
CA GLY B 50 2.48 37.83 6.04
C GLY B 50 1.77 38.79 5.10
N SER B 51 2.08 38.70 3.80
CA SER B 51 1.38 39.53 2.81
C SER B 51 -0.13 39.25 2.81
N TRP B 52 -0.51 37.97 2.86
CA TRP B 52 -1.93 37.61 2.91
C TRP B 52 -2.61 38.22 4.13
N ASP B 53 -1.96 38.12 5.30
CA ASP B 53 -2.57 38.63 6.52
C ASP B 53 -2.80 40.14 6.46
N LYS B 54 -1.87 40.87 5.85
CA LYS B 54 -2.06 42.31 5.69
C LYS B 54 -3.20 42.61 4.73
N LEU B 55 -3.41 41.76 3.72
CA LEU B 55 -4.47 41.99 2.75
C LEU B 55 -5.83 41.56 3.31
N HIS B 56 -5.86 40.48 4.08
CA HIS B 56 -7.10 39.90 4.58
C HIS B 56 -7.02 39.77 6.10
N PRO B 57 -7.23 40.88 6.82
CA PRO B 57 -7.26 40.77 8.29
C PRO B 57 -8.40 39.91 8.81
N GLU B 58 -9.46 39.71 8.01
CA GLU B 58 -10.60 38.90 8.41
C GLU B 58 -10.35 37.41 8.25
N ALA B 59 -9.20 37.01 7.70
CA ALA B 59 -8.91 35.60 7.45
C ALA B 59 -7.41 35.36 7.65
N LEU B 60 -6.96 35.44 8.89
CA LEU B 60 -5.56 35.16 9.21
C LEU B 60 -5.28 33.68 8.96
N VAL B 61 -4.07 33.39 8.49
CA VAL B 61 -3.68 32.04 8.10
C VAL B 61 -2.94 31.38 9.25
N ARG B 62 -3.36 30.18 9.62
CA ARG B 62 -2.65 29.33 10.57
C ARG B 62 -2.06 28.17 9.76
N TRP B 63 -0.73 28.15 9.65
CA TRP B 63 -0.03 27.26 8.74
C TRP B 63 0.43 26.01 9.49
N THR B 64 0.20 24.85 8.90
CA THR B 64 0.66 23.58 9.46
C THR B 64 1.40 22.81 8.37
N ASP B 65 2.65 22.45 8.67
CA ASP B 65 3.51 21.73 7.74
C ASP B 65 3.65 20.28 8.21
N LEU B 66 3.53 19.35 7.29
CA LEU B 66 3.48 17.94 7.63
C LEU B 66 4.56 17.17 6.86
N PRO B 67 5.02 16.04 7.41
CA PRO B 67 5.98 15.16 6.73
C PRO B 67 5.31 14.06 5.92
N SER B 70 2.69 11.13 6.20
CA SER B 70 1.99 11.37 7.45
C SER B 70 0.85 12.36 7.28
N VAL B 71 0.42 12.56 6.03
CA VAL B 71 -0.68 13.49 5.78
C VAL B 71 -2.03 12.81 5.93
N GLU B 72 -2.11 11.51 5.60
CA GLU B 72 -3.38 10.81 5.76
C GLU B 72 -3.70 10.58 7.23
N ARG B 73 -2.69 10.23 8.03
CA ARG B 73 -2.89 10.02 9.46
C ARG B 73 -3.30 11.31 10.16
N LYS B 74 -2.63 12.42 9.84
CA LYS B 74 -2.91 13.67 10.55
C LYS B 74 -4.18 14.33 10.06
N LEU B 75 -4.50 14.18 8.76
CA LEU B 75 -5.77 14.67 8.25
C LEU B 75 -6.92 13.90 8.89
N LEU B 76 -6.74 12.59 9.06
CA LEU B 76 -7.75 11.78 9.73
C LEU B 76 -7.90 12.19 11.19
N ALA B 77 -6.78 12.47 11.88
CA ALA B 77 -6.83 12.93 13.25
C ALA B 77 -7.49 14.31 13.34
N ALA B 78 -7.21 15.19 12.39
CA ALA B 78 -7.76 16.54 12.43
C ALA B 78 -9.27 16.54 12.19
N VAL B 79 -9.75 15.65 11.32
CA VAL B 79 -11.19 15.59 11.09
C VAL B 79 -11.89 14.92 12.25
N PHE B 80 -11.26 13.93 12.87
CA PHE B 80 -11.82 13.33 14.07
C PHE B 80 -11.85 14.35 15.21
N ALA B 81 -10.85 15.22 15.30
CA ALA B 81 -10.86 16.32 16.24
C ALA B 81 -11.64 17.50 15.72
N ARG B 82 -12.24 17.37 14.54
CA ARG B 82 -13.03 18.42 13.90
C ARG B 82 -12.22 19.71 13.75
N THR B 83 -10.99 19.57 13.28
CA THR B 83 -10.10 20.68 12.96
C THR B 83 -9.53 20.50 11.56
N ALA B 84 -10.41 20.20 10.61
CA ALA B 84 -9.96 19.97 9.24
C ALA B 84 -9.46 21.27 8.61
N PRO B 85 -8.39 21.20 7.81
CA PRO B 85 -7.87 22.41 7.17
C PRO B 85 -8.82 22.95 6.11
N ASP B 86 -8.62 24.23 5.77
CA ASP B 86 -9.40 24.93 4.76
C ASP B 86 -8.75 24.85 3.39
N VAL B 87 -7.41 24.89 3.35
CA VAL B 87 -6.64 24.64 2.14
C VAL B 87 -5.59 23.61 2.49
N VAL B 88 -5.55 22.52 1.73
CA VAL B 88 -4.65 21.41 1.97
C VAL B 88 -3.81 21.19 0.73
N ASN B 89 -2.54 20.89 0.93
CA ASN B 89 -1.64 20.58 -0.18
C ASN B 89 -1.72 19.08 -0.48
N LEU B 90 -2.13 18.76 -1.70
CA LEU B 90 -2.37 17.38 -2.13
C LEU B 90 -1.69 17.15 -3.48
N ASN B 91 -1.77 15.91 -3.95
CA ASN B 91 -1.34 15.51 -5.28
C ASN B 91 -2.51 14.90 -6.04
N PRO B 92 -2.49 14.92 -7.37
CA PRO B 92 -3.68 14.54 -8.17
C PRO B 92 -4.22 13.15 -7.82
N PRO B 93 -3.36 12.10 -7.73
CA PRO B 93 -3.92 10.79 -7.36
C PRO B 93 -4.62 10.81 -6.02
N PHE B 94 -3.97 11.34 -4.98
CA PHE B 94 -4.57 11.35 -3.65
C PHE B 94 -5.81 12.25 -3.61
N ALA B 95 -5.81 13.35 -4.37
CA ALA B 95 -6.97 14.24 -4.37
C ALA B 95 -8.18 13.61 -5.03
N ALA B 96 -7.96 12.83 -6.09
CA ALA B 96 -9.08 12.17 -6.77
C ALA B 96 -9.68 11.07 -5.90
N ASN B 97 -8.83 10.30 -5.24
CA ASN B 97 -9.31 9.32 -4.27
C ASN B 97 -10.11 10.00 -3.16
N LEU B 98 -9.65 11.18 -2.72
CA LEU B 98 -10.32 11.89 -1.64
C LEU B 98 -11.64 12.50 -2.10
N ALA B 99 -11.68 13.00 -3.34
CA ALA B 99 -12.87 13.65 -3.88
C ALA B 99 -13.92 12.66 -4.36
N SER B 100 -13.56 11.40 -4.59
CA SER B 100 -14.51 10.42 -5.12
C SER B 100 -15.74 10.26 -4.25
N LYS B 101 -15.68 10.66 -2.98
CA LYS B 101 -16.85 10.65 -2.11
C LYS B 101 -17.40 12.06 -1.88
N GLY B 102 -17.02 13.01 -2.73
CA GLY B 102 -17.50 14.38 -2.64
C GLY B 102 -16.94 15.20 -1.50
N GLY B 103 -15.72 14.90 -1.06
CA GLY B 103 -15.12 15.61 0.06
C GLY B 103 -14.36 16.86 -0.29
N LEU B 104 -14.18 17.12 -1.58
CA LEU B 104 -13.48 18.31 -2.06
C LEU B 104 -14.45 19.22 -2.79
N THR B 105 -14.28 20.52 -2.61
CA THR B 105 -15.14 21.49 -3.26
C THR B 105 -14.83 21.56 -4.75
N ASP B 106 -15.88 21.61 -5.57
CA ASP B 106 -15.73 21.96 -6.97
C ASP B 106 -15.42 23.46 -7.05
N LEU B 107 -14.17 23.79 -7.36
CA LEU B 107 -13.71 25.17 -7.29
C LEU B 107 -14.23 26.02 -8.43
N THR B 108 -14.69 25.41 -9.52
CA THR B 108 -15.18 26.17 -10.68
C THR B 108 -16.20 27.21 -10.28
N ALA B 109 -17.01 26.93 -9.27
CA ALA B 109 -18.03 27.87 -8.81
C ALA B 109 -17.40 29.11 -8.15
N LEU B 110 -16.26 28.95 -7.49
CA LEU B 110 -15.65 30.01 -6.71
C LEU B 110 -14.56 30.78 -7.45
N LEU B 111 -14.07 30.26 -8.57
CA LEU B 111 -12.95 30.88 -9.25
C LEU B 111 -13.38 32.20 -9.92
N PRO B 112 -12.56 33.24 -9.81
CA PRO B 112 -12.83 34.45 -10.56
C PRO B 112 -12.73 34.18 -12.05
N PRO B 113 -13.45 34.93 -12.88
CA PRO B 113 -13.37 34.71 -14.32
C PRO B 113 -11.94 34.90 -14.85
N GLY B 114 -11.52 33.98 -15.72
CA GLY B 114 -10.19 34.03 -16.28
C GLY B 114 -9.09 33.59 -15.34
N ALA B 115 -9.40 32.82 -14.30
CA ALA B 115 -8.36 32.34 -13.40
C ALA B 115 -7.57 31.19 -13.99
N GLU B 116 -8.21 30.32 -14.78
CA GLU B 116 -7.47 29.23 -15.41
C GLU B 116 -6.53 29.71 -16.49
N GLN B 117 -6.75 30.92 -17.02
CA GLN B 117 -5.88 31.47 -18.06
C GLN B 117 -4.49 31.76 -17.54
N ASN B 118 -4.32 31.93 -16.23
CA ASN B 118 -3.02 32.22 -15.66
C ASN B 118 -2.16 30.98 -15.47
N TYR B 119 -2.70 29.79 -15.72
CA TYR B 119 -1.97 28.56 -15.50
C TYR B 119 -1.77 27.81 -16.82
N LEU B 120 -0.78 26.94 -16.83
CA LEU B 120 -0.55 26.07 -17.97
C LEU B 120 -1.76 25.17 -18.20
N PRO B 121 -2.33 25.15 -19.40
CA PRO B 121 -3.57 24.36 -19.60
C PRO B 121 -3.38 22.89 -19.30
N SER B 122 -2.26 22.32 -19.66
CA SER B 122 -2.03 20.88 -19.41
C SER B 122 -2.02 20.56 -17.92
N VAL B 123 -1.57 21.49 -17.11
CA VAL B 123 -1.44 21.24 -15.66
C VAL B 123 -2.75 21.62 -14.98
N TRP B 124 -3.50 22.51 -15.60
CA TRP B 124 -4.79 22.93 -15.03
C TRP B 124 -5.79 21.79 -15.23
N GLU B 125 -5.74 21.11 -16.36
CA GLU B 125 -6.68 19.99 -16.61
C GLU B 125 -6.23 18.76 -15.85
N ALA B 126 -4.96 18.68 -15.48
CA ALA B 126 -4.46 17.52 -14.74
C ALA B 126 -5.06 17.49 -13.34
N ALA B 127 -5.80 18.51 -12.95
CA ALA B 127 -6.33 18.60 -11.60
C ALA B 127 -7.86 18.62 -11.61
N ARG B 128 -8.48 18.36 -12.77
CA ARG B 128 -9.93 18.27 -12.88
C ARG B 128 -10.32 16.80 -12.88
N ASP B 129 -11.11 16.40 -11.90
CA ASP B 129 -11.61 15.03 -11.86
C ASP B 129 -12.85 14.90 -12.74
N PRO B 130 -12.92 13.89 -13.62
CA PRO B 130 -14.11 13.75 -14.47
C PRO B 130 -15.40 13.54 -13.68
N GLU B 131 -15.30 13.18 -12.40
CA GLU B 131 -16.46 12.90 -11.57
C GLU B 131 -16.75 13.96 -10.53
N ALA B 132 -15.78 14.81 -10.17
CA ALA B 132 -16.03 15.84 -9.16
C ALA B 132 -15.68 17.25 -9.59
N GLY B 133 -15.35 17.49 -10.86
CA GLY B 133 -15.05 18.85 -11.30
C GLY B 133 -13.60 19.24 -11.07
N GLN B 134 -13.38 20.55 -11.01
CA GLN B 134 -12.06 21.11 -10.72
C GLN B 134 -11.89 21.10 -9.21
N ILE B 135 -11.18 20.08 -8.69
CA ILE B 135 -11.08 19.86 -7.26
C ILE B 135 -9.81 20.44 -6.66
N ALA B 136 -8.92 20.98 -7.48
CA ALA B 136 -7.68 21.49 -6.95
C ALA B 136 -7.12 22.57 -7.89
N ILE B 137 -6.31 23.44 -7.32
CA ILE B 137 -5.59 24.45 -8.07
C ILE B 137 -4.15 23.99 -8.20
N PRO B 138 -3.56 24.02 -9.40
CA PRO B 138 -2.18 23.56 -9.54
C PRO B 138 -1.21 24.49 -8.82
N TRP B 139 -0.20 23.90 -8.19
CA TRP B 139 0.82 24.69 -7.53
C TRP B 139 2.14 24.53 -8.28
N TYR B 140 3.10 23.83 -7.68
CA TYR B 140 4.39 23.62 -8.32
C TYR B 140 4.50 22.17 -8.80
N LEU B 141 5.54 21.91 -9.59
CA LEU B 141 5.67 20.58 -10.17
C LEU B 141 7.14 20.26 -10.44
N THR B 142 7.43 18.97 -10.54
CA THR B 142 8.78 18.50 -10.87
C THR B 142 8.64 17.58 -12.06
N VAL B 143 9.45 17.83 -13.09
CA VAL B 143 9.51 17.00 -14.27
C VAL B 143 10.71 16.09 -14.14
N ARG B 144 10.49 14.79 -14.08
CA ARG B 144 11.60 13.87 -13.94
C ARG B 144 12.35 13.81 -15.26
N LEU B 145 13.66 13.97 -15.19
CA LEU B 145 14.51 13.91 -16.36
C LEU B 145 15.23 12.58 -16.37
N SER B 146 16.04 12.37 -17.40
CA SER B 146 16.94 11.22 -17.45
C SER B 146 18.30 11.74 -17.03
N LEU B 147 18.70 11.44 -15.78
CA LEU B 147 20.05 11.71 -15.33
C LEU B 147 20.91 10.56 -15.81
N VAL B 148 21.76 10.83 -16.79
CA VAL B 148 22.48 9.80 -17.53
C VAL B 148 23.94 9.82 -17.11
N ASN B 149 24.47 8.65 -16.77
CA ASN B 149 25.89 8.50 -16.50
C ASN B 149 26.61 8.58 -17.84
N GLY B 150 27.22 9.74 -18.11
CA GLY B 150 27.84 9.96 -19.40
C GLY B 150 29.04 9.08 -19.70
N ASP B 151 29.75 8.63 -18.65
CA ASP B 151 30.87 7.74 -18.89
C ASP B 151 30.40 6.36 -19.33
N LEU B 152 29.33 5.85 -18.72
CA LEU B 152 28.77 4.56 -19.14
C LEU B 152 28.16 4.65 -20.53
N LEU B 153 27.52 5.77 -20.85
CA LEU B 153 26.93 5.95 -22.17
C LEU B 153 28.01 6.04 -23.24
N ARG B 154 29.02 6.88 -23.01
CA ARG B 154 30.12 6.99 -23.96
C ARG B 154 30.87 5.67 -24.06
N GLN B 155 31.00 4.95 -22.95
CA GLN B 155 31.62 3.63 -23.00
C GLN B 155 30.79 2.68 -23.86
N ALA B 156 29.47 2.86 -23.86
CA ALA B 156 28.58 2.05 -24.67
C ALA B 156 28.40 2.60 -26.09
N GLY B 157 29.08 3.70 -26.43
CA GLY B 157 28.99 4.25 -27.77
C GLY B 157 27.68 4.94 -28.11
N LEU B 158 27.05 5.60 -27.14
CA LEU B 158 25.77 6.25 -27.40
C LEU B 158 25.83 7.76 -27.13
N ALA B 161 21.24 9.41 -25.17
CA ALA B 161 20.30 8.55 -24.45
C ALA B 161 19.02 8.40 -25.26
N PRO B 162 18.33 7.26 -25.11
CA PRO B 162 17.07 7.08 -25.84
C PRO B 162 16.00 8.03 -25.32
N ARG B 163 15.03 8.32 -26.19
CA ARG B 163 13.96 9.24 -25.83
C ARG B 163 12.57 8.65 -25.97
N ARG B 164 12.44 7.50 -26.65
CA ARG B 164 11.15 6.79 -26.87
C ARG B 164 11.24 5.40 -26.22
N TRP B 165 10.14 4.84 -25.70
CA TRP B 165 10.16 3.54 -25.05
C TRP B 165 10.59 2.43 -25.99
N ASP B 166 10.23 2.54 -27.28
CA ASP B 166 10.64 1.53 -28.25
C ASP B 166 12.13 1.59 -28.55
N GLU B 167 12.85 2.57 -28.02
CA GLU B 167 14.30 2.64 -28.13
C GLU B 167 15.02 2.09 -26.90
N VAL B 168 14.28 1.79 -25.83
CA VAL B 168 14.85 1.30 -24.58
C VAL B 168 15.46 -0.10 -24.73
N PRO B 169 14.80 -1.05 -25.41
CA PRO B 169 15.42 -2.40 -25.51
C PRO B 169 16.81 -2.38 -26.13
N ALA B 170 16.97 -1.76 -27.30
CA ALA B 170 18.28 -1.69 -27.94
C ALA B 170 19.28 -0.95 -27.06
N TYR B 171 18.84 0.12 -26.40
CA TYR B 171 19.72 0.86 -25.50
C TYR B 171 20.14 -0.02 -24.31
N ALA B 172 19.16 -0.66 -23.67
CA ALA B 172 19.45 -1.49 -22.50
C ALA B 172 20.38 -2.65 -22.85
N ARG B 173 20.18 -3.28 -24.01
CA ARG B 173 21.09 -4.33 -24.46
C ARG B 173 22.49 -3.79 -24.66
N SER B 174 22.62 -2.65 -25.33
CA SER B 174 23.93 -2.08 -25.60
C SER B 174 24.66 -1.71 -24.31
N ILE B 175 23.93 -1.23 -23.32
CA ILE B 175 24.55 -0.93 -22.02
C ILE B 175 24.96 -2.21 -21.32
N ARG B 176 24.13 -3.26 -21.43
CA ARG B 176 24.41 -4.51 -20.71
C ARG B 176 25.66 -5.18 -21.26
N GLU B 177 25.83 -5.19 -22.57
CA GLU B 177 26.92 -5.93 -23.19
C GLU B 177 28.20 -5.13 -23.34
N ARG B 178 28.10 -3.81 -23.53
CA ARG B 178 29.28 -2.98 -23.76
C ARG B 178 29.87 -2.41 -22.48
N THR B 179 29.09 -2.32 -21.41
CA THR B 179 29.58 -1.82 -20.14
C THR B 179 29.43 -2.82 -18.99
N GLY B 180 28.63 -3.87 -19.15
CA GLY B 180 28.34 -4.79 -18.07
C GLY B 180 27.37 -4.29 -17.03
N ARG B 181 27.04 -3.00 -17.04
CA ARG B 181 26.05 -2.44 -16.12
C ARG B 181 24.67 -2.44 -16.76
N TYR B 182 23.68 -1.94 -16.03
CA TYR B 182 22.30 -1.91 -16.49
C TYR B 182 21.93 -0.53 -16.99
N GLY B 183 21.12 -0.48 -18.04
CA GLY B 183 20.77 0.79 -18.63
C GLY B 183 19.74 1.60 -17.87
N LEU B 184 18.79 0.92 -17.23
CA LEU B 184 17.75 1.62 -16.49
C LEU B 184 17.16 0.70 -15.43
N PHE B 185 16.30 1.29 -14.60
CA PHE B 185 15.71 0.60 -13.45
C PHE B 185 14.30 1.16 -13.28
N VAL B 186 13.29 0.38 -13.63
CA VAL B 186 11.91 0.77 -13.44
C VAL B 186 11.26 -0.25 -12.50
N THR B 187 10.77 0.24 -11.36
CA THR B 187 10.22 -0.64 -10.36
C THR B 187 8.84 -1.14 -10.78
N VAL B 188 8.53 -2.38 -10.41
CA VAL B 188 7.21 -2.95 -10.62
C VAL B 188 6.60 -3.36 -9.28
N VAL B 189 7.10 -2.78 -8.19
CA VAL B 189 6.55 -2.97 -6.86
C VAL B 189 5.19 -2.30 -6.79
N PRO B 190 4.11 -3.06 -6.49
CA PRO B 190 2.74 -2.53 -6.61
C PRO B 190 2.53 -1.13 -6.02
N ASP B 191 3.05 -0.87 -4.82
CA ASP B 191 2.81 0.40 -4.14
C ASP B 191 4.02 1.32 -4.22
N ASP B 192 4.71 1.37 -5.36
CA ASP B 192 5.81 2.33 -5.53
C ASP B 192 5.59 3.31 -6.66
N SER B 193 6.65 3.63 -7.40
CA SER B 193 6.58 4.61 -8.47
C SER B 193 5.62 4.16 -9.57
N ALA B 194 4.98 5.15 -10.19
CA ALA B 194 4.01 4.91 -11.26
C ALA B 194 4.64 5.00 -12.64
N GLU B 195 5.97 5.06 -12.73
CA GLU B 195 6.62 5.26 -14.01
C GLU B 195 6.25 4.15 -15.01
N LEU B 196 6.18 2.91 -14.54
CA LEU B 196 5.86 1.81 -15.45
C LEU B 196 4.43 1.93 -15.97
N LEU B 197 3.47 2.21 -15.09
CA LEU B 197 2.11 2.44 -15.53
C LEU B 197 2.03 3.62 -16.50
N GLU B 198 2.82 4.67 -16.24
CA GLU B 198 2.85 5.80 -17.18
C GLU B 198 3.42 5.39 -18.53
N SER B 199 4.36 4.44 -18.54
CA SER B 199 4.90 3.93 -19.79
C SER B 199 3.82 3.24 -20.62
N PHE B 200 2.87 2.56 -19.97
CA PHE B 200 1.73 2.01 -20.68
C PHE B 200 0.99 3.10 -21.43
N VAL B 201 0.67 4.21 -20.74
CA VAL B 201 -0.05 5.31 -21.37
C VAL B 201 0.79 5.92 -22.48
N GLN B 202 2.09 6.04 -22.27
CA GLN B 202 2.95 6.63 -23.29
C GLN B 202 3.05 5.72 -24.51
N MSE B 203 2.87 4.42 -24.34
CA MSE B 203 2.96 3.47 -25.46
C MSE B 203 1.61 3.28 -26.15
O MSE B 203 1.38 2.27 -26.83
CB MSE B 203 3.48 2.12 -24.99
CG MSE B 203 4.93 2.11 -24.53
SE MSE B 203 5.48 0.32 -23.94
CE MSE B 203 6.78 0.82 -22.59
N GLY B 204 0.70 4.24 -25.98
CA GLY B 204 -0.58 4.22 -26.66
C GLY B 204 -1.63 3.31 -26.06
N VAL B 205 -1.38 2.75 -24.88
CA VAL B 205 -2.34 1.86 -24.23
C VAL B 205 -3.42 2.71 -23.57
N SER B 206 -4.67 2.32 -23.75
CA SER B 206 -5.78 2.94 -23.05
C SER B 206 -6.12 2.08 -21.83
N LEU B 207 -6.07 2.68 -20.66
CA LEU B 207 -6.23 1.93 -19.41
C LEU B 207 -7.70 1.75 -19.04
N LEU B 208 -8.46 2.83 -19.01
CA LEU B 208 -9.85 2.80 -18.59
C LEU B 208 -10.76 3.40 -19.65
N ASP B 209 -11.98 2.88 -19.71
CA ASP B 209 -13.03 3.40 -20.58
C ASP B 209 -13.80 4.49 -19.84
N ALA B 210 -14.97 4.86 -20.39
CA ALA B 210 -15.77 5.92 -19.77
C ALA B 210 -16.33 5.53 -18.41
N ARG B 211 -16.58 4.24 -18.15
CA ARG B 211 -17.18 3.83 -16.89
C ARG B 211 -16.16 3.22 -15.92
N GLN B 212 -14.88 3.52 -16.09
CA GLN B 212 -13.79 3.04 -15.23
C GLN B 212 -13.58 1.54 -15.31
N ARG B 213 -13.99 0.90 -16.41
CA ARG B 213 -13.69 -0.51 -16.63
C ARG B 213 -12.39 -0.66 -17.38
N ALA B 214 -11.82 -1.87 -17.30
CA ALA B 214 -10.55 -2.14 -17.93
C ALA B 214 -10.64 -1.94 -19.44
N ALA B 215 -9.71 -1.14 -19.99
CA ALA B 215 -9.66 -0.91 -21.42
C ALA B 215 -8.33 -1.35 -22.02
N PHE B 216 -7.46 -1.98 -21.22
CA PHE B 216 -6.11 -2.33 -21.63
C PHE B 216 -5.95 -3.74 -22.16
N ASN B 217 -6.99 -4.58 -22.13
CA ASN B 217 -6.91 -5.92 -22.71
C ASN B 217 -7.09 -5.82 -24.22
N THR B 218 -6.08 -5.24 -24.86
CA THR B 218 -6.05 -4.91 -26.27
C THR B 218 -4.71 -5.34 -26.86
N PRO B 219 -4.52 -5.23 -28.18
CA PRO B 219 -3.17 -5.45 -28.72
C PRO B 219 -2.15 -4.49 -28.15
N ALA B 220 -2.55 -3.25 -27.85
CA ALA B 220 -1.64 -2.31 -27.23
C ALA B 220 -1.24 -2.75 -25.84
N GLY B 221 -2.21 -3.20 -25.04
CA GLY B 221 -1.90 -3.66 -23.69
C GLY B 221 -1.02 -4.90 -23.70
N ARG B 222 -1.32 -5.85 -24.59
CA ARG B 222 -0.48 -7.04 -24.69
C ARG B 222 0.93 -6.68 -25.13
N LYS B 223 1.06 -5.68 -26.01
CA LYS B 223 2.37 -5.22 -26.43
C LYS B 223 3.16 -4.65 -25.26
N ALA B 224 2.51 -3.87 -24.39
CA ALA B 224 3.22 -3.29 -23.25
C ALA B 224 3.62 -4.36 -22.25
N PHE B 225 2.70 -5.30 -21.94
CA PHE B 225 3.04 -6.38 -21.02
C PHE B 225 4.20 -7.20 -21.56
N ALA B 226 4.18 -7.52 -22.85
CA ALA B 226 5.29 -8.26 -23.46
C ALA B 226 6.57 -7.44 -23.43
N PHE B 227 6.46 -6.13 -23.62
CA PHE B 227 7.63 -5.25 -23.59
C PHE B 227 8.40 -5.40 -22.29
N TRP B 228 7.72 -5.27 -21.16
CA TRP B 228 8.37 -5.37 -19.86
C TRP B 228 8.72 -6.81 -19.50
N THR B 229 7.89 -7.77 -19.89
CA THR B 229 8.22 -9.17 -19.64
C THR B 229 9.51 -9.55 -20.34
N ASP B 230 9.64 -9.20 -21.62
CA ASP B 230 10.82 -9.58 -22.38
C ASP B 230 12.08 -8.88 -21.88
N LEU B 231 11.98 -7.62 -21.48
CA LEU B 231 13.13 -6.92 -20.93
C LEU B 231 13.67 -7.65 -19.70
N TYR B 232 12.78 -8.05 -18.80
CA TYR B 232 13.23 -8.73 -17.59
C TYR B 232 13.79 -10.12 -17.90
N ARG B 233 13.09 -10.89 -18.73
CA ARG B 233 13.51 -12.26 -18.96
C ARG B 233 14.83 -12.33 -19.71
N GLU B 234 15.14 -11.32 -20.52
CA GLU B 234 16.39 -11.30 -21.27
C GLU B 234 17.55 -10.73 -20.47
N GLY B 235 17.38 -10.53 -19.16
CA GLY B 235 18.48 -10.05 -18.33
C GLY B 235 18.85 -8.60 -18.52
N LEU B 236 17.96 -7.82 -19.11
CA LEU B 236 18.28 -6.40 -19.43
C LEU B 236 17.96 -5.46 -18.27
N LEU B 237 17.05 -5.83 -17.40
CA LEU B 237 16.67 -5.06 -16.23
C LEU B 237 17.29 -5.68 -14.98
N PRO B 238 17.61 -4.88 -13.97
CA PRO B 238 18.05 -5.46 -12.70
C PRO B 238 17.01 -6.41 -12.14
N ARG B 239 17.46 -7.52 -11.58
CA ARG B 239 16.54 -8.55 -11.11
C ARG B 239 15.66 -8.07 -9.97
N GLU B 240 16.11 -7.08 -9.21
CA GLU B 240 15.39 -6.60 -8.04
C GLU B 240 14.37 -5.52 -8.37
N VAL B 241 14.06 -5.29 -9.65
CA VAL B 241 12.99 -4.34 -9.96
C VAL B 241 11.63 -4.88 -9.54
N VAL B 242 11.49 -6.20 -9.40
CA VAL B 242 10.23 -6.78 -8.95
C VAL B 242 10.00 -6.67 -7.46
N SER B 243 11.00 -6.26 -6.69
CA SER B 243 10.89 -6.29 -5.24
C SER B 243 11.34 -5.01 -4.55
N GLN B 244 12.02 -4.11 -5.24
CA GLN B 244 12.52 -2.88 -4.64
C GLN B 244 12.17 -1.68 -5.53
N GLY B 245 12.04 -0.53 -4.89
CA GLY B 245 11.63 0.69 -5.53
C GLY B 245 12.78 1.56 -5.94
N GLN B 246 12.49 2.87 -6.09
CA GLN B 246 13.47 3.78 -6.64
C GLN B 246 14.63 4.09 -5.69
N ARG B 247 14.48 3.83 -4.39
CA ARG B 247 15.63 3.98 -3.50
C ARG B 247 16.73 2.99 -3.86
N ARG B 248 16.36 1.81 -4.36
CA ARG B 248 17.37 0.88 -4.83
C ARG B 248 18.03 1.40 -6.11
N ALA B 249 17.23 2.00 -7.01
CA ALA B 249 17.78 2.62 -8.21
C ALA B 249 18.74 3.75 -7.87
N ILE B 250 18.34 4.61 -6.93
CA ILE B 250 19.23 5.67 -6.48
C ILE B 250 20.55 5.08 -6.00
N GLU B 251 20.45 4.03 -5.18
CA GLU B 251 21.64 3.39 -4.63
C GLU B 251 22.52 2.81 -5.74
N LEU B 252 21.90 2.27 -6.80
CA LEU B 252 22.67 1.71 -7.90
C LEU B 252 23.30 2.81 -8.75
N TYR B 253 22.58 3.91 -8.98
CA TYR B 253 23.14 4.99 -9.78
C TYR B 253 24.32 5.65 -9.07
N GLN B 254 24.18 5.92 -7.78
CA GLN B 254 25.25 6.53 -7.01
C GLN B 254 26.45 5.60 -6.86
N SER B 255 26.28 4.31 -7.10
CA SER B 255 27.39 3.37 -7.09
C SER B 255 28.04 3.21 -8.46
N GLY B 256 27.51 3.88 -9.48
CA GLY B 256 28.03 3.71 -10.83
C GLY B 256 27.59 2.44 -11.52
N GLU B 257 26.52 1.80 -11.07
CA GLU B 257 26.04 0.56 -11.64
C GLU B 257 24.78 0.74 -12.49
N LEU B 258 24.27 1.95 -12.61
CA LEU B 258 23.05 2.22 -13.36
C LEU B 258 23.30 3.37 -14.31
N ALA B 259 23.02 3.15 -15.60
CA ALA B 259 23.36 4.14 -16.62
C ALA B 259 22.39 5.31 -16.66
N LEU B 260 21.11 5.08 -16.39
CA LEU B 260 20.09 6.12 -16.45
C LEU B 260 19.24 6.08 -15.19
N LEU B 261 18.99 7.25 -14.60
CA LEU B 261 18.15 7.38 -13.43
C LEU B 261 17.06 8.40 -13.74
N ALA B 262 15.80 7.97 -13.69
CA ALA B 262 14.67 8.86 -13.93
C ALA B 262 14.43 9.67 -12.66
N SER B 263 14.78 10.96 -12.71
CA SER B 263 14.71 11.81 -11.52
C SER B 263 14.61 13.26 -11.97
N GLY B 264 14.30 14.14 -11.02
CA GLY B 264 14.13 15.55 -11.31
C GLY B 264 15.43 16.31 -11.20
N ALA B 265 15.32 17.63 -11.43
CA ALA B 265 16.51 18.47 -11.44
C ALA B 265 17.05 18.70 -10.03
N GLU B 266 16.17 18.81 -9.04
CA GLU B 266 16.63 19.13 -7.69
C GLU B 266 17.40 17.98 -7.05
N PHE B 267 17.03 16.73 -7.35
CA PHE B 267 17.69 15.60 -6.72
C PHE B 267 19.17 15.53 -7.06
N LEU B 268 19.62 16.23 -8.10
CA LEU B 268 21.05 16.27 -8.38
C LEU B 268 21.83 16.88 -7.23
N ARG B 269 21.19 17.76 -6.47
CA ARG B 269 21.86 18.34 -5.30
C ARG B 269 22.15 17.28 -4.25
N SER B 270 21.32 16.24 -4.18
CA SER B 270 21.60 15.14 -3.25
C SER B 270 22.55 14.12 -3.85
N ILE B 271 22.53 13.94 -5.17
CA ILE B 271 23.53 13.10 -5.84
C ILE B 271 24.92 13.70 -5.67
N GLN B 272 25.03 15.03 -5.86
CA GLN B 272 26.33 15.70 -5.77
C GLN B 272 26.99 15.48 -4.42
N THR B 273 26.21 15.55 -3.33
CA THR B 273 26.80 15.37 -2.00
C THR B 273 27.02 13.89 -1.67
N ASN B 274 26.08 13.03 -2.06
CA ASN B 274 26.20 11.61 -1.67
C ASN B 274 27.15 10.85 -2.58
N ALA B 275 27.27 11.24 -3.85
CA ALA B 275 28.16 10.58 -4.80
C ALA B 275 28.70 11.60 -5.78
N PRO B 276 29.65 12.45 -5.35
CA PRO B 276 30.18 13.47 -6.26
C PRO B 276 30.92 12.89 -7.46
N GLY B 277 31.56 11.73 -7.32
CA GLY B 277 32.23 11.12 -8.46
C GLY B 277 31.28 10.79 -9.58
N VAL B 278 30.09 10.31 -9.24
CA VAL B 278 29.09 9.97 -10.26
C VAL B 278 28.45 11.24 -10.82
N ALA B 279 28.19 12.23 -9.94
CA ALA B 279 27.59 13.48 -10.40
C ALA B 279 28.49 14.23 -11.36
N ALA B 280 29.81 14.06 -11.23
CA ALA B 280 30.73 14.75 -12.13
C ALA B 280 30.60 14.26 -13.57
N VAL B 281 30.18 13.01 -13.75
CA VAL B 281 30.00 12.44 -15.08
C VAL B 281 28.53 12.31 -15.45
N THR B 282 27.64 12.94 -14.70
CA THR B 282 26.21 12.87 -14.95
C THR B 282 25.79 14.03 -15.83
N THR B 283 24.99 13.75 -16.85
CA THR B 283 24.45 14.77 -17.74
C THR B 283 22.93 14.65 -17.81
N PRO B 284 22.20 15.76 -17.71
CA PRO B 284 20.75 15.70 -17.84
C PRO B 284 20.32 15.47 -19.27
N GLN B 285 19.25 14.70 -19.45
CA GLN B 285 18.74 14.33 -20.76
C GLN B 285 17.22 14.42 -20.74
N PRO B 286 16.59 14.55 -21.90
CA PRO B 286 15.14 14.68 -21.94
C PRO B 286 14.46 13.43 -21.38
N PRO B 287 13.29 13.59 -20.78
CA PRO B 287 12.56 12.42 -20.27
C PRO B 287 12.03 11.56 -21.41
N LEU B 288 11.74 10.31 -21.07
CA LEU B 288 11.18 9.36 -22.02
C LEU B 288 9.74 9.71 -22.37
N THR B 289 9.39 9.58 -23.64
CA THR B 289 8.03 9.80 -24.12
C THR B 289 7.62 8.63 -24.99
N GLY B 290 6.36 8.65 -25.45
CA GLY B 290 5.87 7.67 -26.39
C GLY B 290 5.96 8.11 -27.84
N GLY B 293 3.94 11.68 -27.08
CA GLY B 293 4.88 12.76 -26.84
C GLY B 293 4.89 13.22 -25.39
N THR B 294 3.86 12.83 -24.65
CA THR B 294 3.69 13.28 -23.28
C THR B 294 4.82 12.78 -22.37
N ALA B 295 5.39 13.69 -21.59
CA ALA B 295 6.27 13.34 -20.49
C ALA B 295 5.50 13.51 -19.20
N ASN B 296 5.93 12.78 -18.15
CA ASN B 296 5.19 12.84 -16.89
C ASN B 296 5.87 13.80 -15.93
N VAL B 297 5.05 14.51 -15.16
CA VAL B 297 5.50 15.48 -14.18
C VAL B 297 4.73 15.27 -12.88
N ALA B 298 5.44 15.34 -11.76
CA ALA B 298 4.81 15.22 -10.45
C ALA B 298 4.22 16.58 -10.06
N LEU B 299 2.90 16.65 -10.04
CA LEU B 299 2.18 17.90 -9.80
C LEU B 299 1.78 18.00 -8.34
N MSE B 300 2.04 19.15 -7.73
CA MSE B 300 1.49 19.45 -6.41
C MSE B 300 0.35 20.45 -6.57
O MSE B 300 0.43 21.36 -7.39
CB MSE B 300 2.56 20.00 -5.48
CG MSE B 300 3.53 18.95 -4.94
SE MSE B 300 2.67 17.72 -3.68
CE MSE B 300 4.26 16.79 -3.02
N THR B 301 -0.72 20.28 -5.79
CA THR B 301 -1.91 21.11 -5.93
C THR B 301 -2.43 21.51 -4.55
N LEU B 302 -3.38 22.44 -4.56
CA LEU B 302 -4.04 22.93 -3.36
C LEU B 302 -5.54 22.73 -3.51
N ALA B 303 -6.16 22.12 -2.51
CA ALA B 303 -7.58 21.81 -2.56
C ALA B 303 -8.29 22.40 -1.35
N VAL B 304 -9.60 22.57 -1.50
CA VAL B 304 -10.46 23.12 -0.45
C VAL B 304 -11.47 22.08 0.00
N PRO B 305 -11.36 21.54 1.20
CA PRO B 305 -12.34 20.55 1.66
C PRO B 305 -13.75 21.13 1.67
N ARG B 306 -14.72 20.28 1.34
CA ARG B 306 -16.11 20.72 1.31
C ARG B 306 -16.60 21.12 2.70
N GLN B 307 -16.01 20.53 3.75
CA GLN B 307 -16.37 20.90 5.11
C GLN B 307 -15.93 22.32 5.48
N SER B 308 -15.10 22.95 4.66
CA SER B 308 -14.63 24.30 4.95
C SER B 308 -15.79 25.28 5.03
N GLN B 309 -15.83 26.06 6.10
CA GLN B 309 -16.86 27.07 6.27
C GLN B 309 -16.48 28.41 5.68
N GLN B 310 -15.28 28.52 5.12
CA GLN B 310 -14.80 29.72 4.42
C GLN B 310 -14.26 29.33 3.05
N ALA B 311 -15.08 28.62 2.27
CA ALA B 311 -14.63 28.10 0.98
C ALA B 311 -14.18 29.22 0.07
N GLY B 312 -14.92 30.33 0.05
CA GLY B 312 -14.54 31.45 -0.80
C GLY B 312 -13.19 32.03 -0.42
N GLU B 313 -12.98 32.27 0.88
CA GLU B 313 -11.69 32.78 1.32
C GLU B 313 -10.58 31.76 1.08
N ALA B 314 -10.88 30.47 1.26
CA ALA B 314 -9.88 29.44 1.03
C ALA B 314 -9.45 29.40 -0.42
N VAL B 315 -10.39 29.55 -1.34
CA VAL B 315 -10.05 29.59 -2.76
C VAL B 315 -9.17 30.80 -3.04
N GLU B 316 -9.48 31.95 -2.42
CA GLU B 316 -8.65 33.13 -2.61
C GLU B 316 -7.24 32.91 -2.10
N LEU B 317 -7.10 32.20 -0.97
CA LEU B 317 -5.77 31.91 -0.44
C LEU B 317 -4.98 31.00 -1.37
N ALA B 318 -5.62 29.95 -1.90
CA ALA B 318 -4.93 29.06 -2.81
C ALA B 318 -4.54 29.80 -4.09
N LEU B 319 -5.41 30.69 -4.57
CA LEU B 319 -5.05 31.49 -5.73
C LEU B 319 -3.91 32.45 -5.42
N PHE B 320 -3.90 32.96 -4.19
CA PHE B 320 -2.82 33.87 -3.76
C PHE B 320 -1.48 33.14 -3.73
N LEU B 321 -1.45 31.94 -3.15
CA LEU B 321 -0.22 31.17 -3.06
C LEU B 321 0.31 30.72 -4.43
N THR B 322 -0.57 30.60 -5.42
CA THR B 322 -0.18 30.06 -6.72
C THR B 322 -0.21 31.12 -7.82
N ASN B 323 -0.10 32.41 -7.47
CA ASN B 323 -0.08 33.48 -8.47
C ASN B 323 1.32 33.56 -9.10
N GLY B 324 1.56 34.58 -9.93
CA GLY B 324 2.82 34.62 -10.64
C GLY B 324 4.03 34.83 -9.75
N THR B 325 3.99 35.86 -8.90
CA THR B 325 5.19 36.29 -8.18
C THR B 325 5.61 35.27 -7.12
N ASN B 326 4.64 34.76 -6.34
CA ASN B 326 4.94 33.80 -5.29
C ASN B 326 5.38 32.47 -5.88
N GLN B 327 4.80 32.05 -7.01
CA GLN B 327 5.26 30.83 -7.63
C GLN B 327 6.66 31.00 -8.19
N ALA B 328 6.96 32.18 -8.73
CA ALA B 328 8.32 32.45 -9.19
C ALA B 328 9.30 32.37 -8.04
N ARG B 329 8.97 33.00 -6.91
CA ARG B 329 9.87 32.96 -5.76
C ARG B 329 10.02 31.54 -5.24
N PHE B 330 8.93 30.77 -5.19
CA PHE B 330 9.06 29.39 -4.74
C PHE B 330 9.84 28.55 -5.75
N ALA B 331 9.65 28.82 -7.04
CA ALA B 331 10.38 28.08 -8.06
C ALA B 331 11.89 28.31 -7.94
N ARG B 332 12.30 29.52 -7.57
CA ARG B 332 13.72 29.79 -7.39
C ARG B 332 14.27 29.11 -6.14
N GLU B 333 13.63 29.34 -4.99
CA GLU B 333 14.16 28.83 -3.73
C GLU B 333 14.07 27.31 -3.65
N ALA B 334 13.02 26.71 -4.22
CA ALA B 334 12.85 25.27 -4.21
C ALA B 334 13.43 24.59 -5.44
N ARG B 335 13.86 25.36 -6.44
CA ARG B 335 14.40 24.84 -7.69
C ARG B 335 13.45 23.84 -8.34
N VAL B 336 12.17 24.25 -8.43
CA VAL B 336 11.11 23.45 -9.00
C VAL B 336 10.41 24.29 -10.07
N LEU B 337 9.53 23.65 -10.82
CA LEU B 337 8.89 24.46 -11.85
C LEU B 337 7.49 24.88 -11.43
N PRO B 338 7.10 26.11 -11.78
CA PRO B 338 5.77 26.60 -11.43
C PRO B 338 4.71 26.27 -12.49
N SER B 339 3.45 26.38 -12.06
CA SER B 339 2.32 26.21 -12.95
C SER B 339 1.78 27.52 -13.49
N SER B 340 2.30 28.66 -13.04
CA SER B 340 1.93 29.94 -13.59
C SER B 340 2.66 30.18 -14.91
N LEU B 341 1.92 30.65 -15.91
CA LEU B 341 2.52 30.95 -17.20
C LEU B 341 3.58 32.04 -17.07
N GLU B 342 3.24 33.14 -16.39
CA GLU B 342 4.22 34.21 -16.19
C GLU B 342 5.42 33.72 -15.37
N ALA B 343 5.16 32.95 -14.30
CA ALA B 343 6.27 32.48 -13.47
C ALA B 343 7.17 31.53 -14.25
N LEU B 344 6.57 30.65 -15.07
CA LEU B 344 7.40 29.78 -15.90
C LEU B 344 8.21 30.60 -16.89
N SER B 345 7.59 31.59 -17.52
CA SER B 345 8.33 32.48 -18.41
C SER B 345 9.41 33.24 -17.67
N ALA B 346 9.11 33.68 -16.45
CA ALA B 346 10.14 34.35 -15.63
C ALA B 346 11.25 33.38 -15.25
N ILE B 347 10.91 32.15 -14.89
CA ILE B 347 11.92 31.18 -14.47
C ILE B 347 12.79 30.76 -15.65
N ARG B 348 12.19 30.56 -16.83
CA ARG B 348 12.98 30.17 -17.99
C ARG B 348 13.93 31.28 -18.41
N ALA B 349 13.50 32.55 -18.30
CA ALA B 349 14.38 33.66 -18.66
C ALA B 349 15.56 33.76 -17.69
N GLU B 350 15.30 33.58 -16.38
CA GLU B 350 16.38 33.66 -15.40
C GLU B 350 17.43 32.58 -15.63
N LEU B 351 17.00 31.38 -15.99
CA LEU B 351 17.94 30.29 -16.21
C LEU B 351 18.76 30.50 -17.48
N GLU B 352 18.13 31.04 -18.53
CA GLU B 352 18.82 31.21 -19.81
C GLU B 352 19.95 32.22 -19.76
N VAL B 353 19.95 33.11 -18.76
CA VAL B 353 20.99 34.12 -18.62
C VAL B 353 21.77 33.96 -17.32
N GLU B 354 21.60 32.83 -16.64
CA GLU B 354 22.32 32.55 -15.41
C GLU B 354 23.77 32.18 -15.70
N GLN B 355 24.69 32.69 -14.87
CA GLN B 355 26.11 32.39 -14.97
C GLN B 355 26.56 31.65 -13.72
N PRO B 356 26.56 30.31 -13.74
CA PRO B 356 26.94 29.55 -12.55
C PRO B 356 28.41 29.74 -12.19
N SER B 357 28.68 29.70 -10.88
CA SER B 357 30.02 29.95 -10.36
C SER B 357 30.88 28.70 -10.30
N ASN B 358 30.29 27.52 -10.35
CA ASN B 358 31.02 26.26 -10.30
C ASN B 358 30.30 25.24 -11.16
N PRO B 359 30.99 24.17 -11.57
CA PRO B 359 30.32 23.14 -12.40
C PRO B 359 29.10 22.51 -11.77
N ALA B 360 29.05 22.43 -10.44
CA ALA B 360 27.88 21.85 -9.77
C ALA B 360 26.63 22.68 -10.04
N GLU B 361 26.73 24.00 -9.86
CA GLU B 361 25.62 24.89 -10.19
C GLU B 361 25.32 24.88 -11.68
N ALA B 362 26.35 24.72 -12.53
CA ALA B 362 26.12 24.63 -13.96
C ALA B 362 25.34 23.38 -14.31
N GLN B 363 25.68 22.25 -13.68
CA GLN B 363 24.92 21.03 -13.87
C GLN B 363 23.47 21.21 -13.43
N ILE B 364 23.26 21.84 -12.27
CA ILE B 364 21.91 22.08 -11.78
C ILE B 364 21.16 23.03 -12.72
N ARG B 365 21.86 24.04 -13.25
CA ARG B 365 21.21 24.94 -14.19
C ARG B 365 20.81 24.22 -15.47
N ASP B 366 21.69 23.34 -15.98
CA ASP B 366 21.36 22.58 -17.19
C ASP B 366 20.12 21.73 -16.98
N ALA B 367 19.99 21.11 -15.81
CA ALA B 367 18.84 20.25 -15.53
C ALA B 367 17.58 21.09 -15.33
N ARG B 368 17.68 22.19 -14.58
CA ARG B 368 16.52 23.04 -14.37
C ARG B 368 16.04 23.65 -15.69
N LEU B 369 16.98 24.00 -16.57
CA LEU B 369 16.60 24.56 -17.87
C LEU B 369 15.96 23.49 -18.75
N LEU B 370 16.47 22.26 -18.71
CA LEU B 370 15.88 21.20 -19.51
C LEU B 370 14.49 20.85 -19.00
N SER B 371 14.29 20.88 -17.67
CA SER B 371 12.96 20.67 -17.12
C SER B 371 11.99 21.73 -17.61
N ALA B 372 12.42 22.99 -17.63
CA ALA B 372 11.55 24.07 -18.09
C ALA B 372 11.26 23.96 -19.58
N GLU B 373 12.22 23.46 -20.38
CA GLU B 373 11.98 23.34 -21.82
C GLU B 373 10.97 22.24 -22.11
N THR B 374 11.06 21.11 -21.42
CA THR B 374 10.09 20.04 -21.67
C THR B 374 8.70 20.43 -21.17
N LEU B 375 8.63 21.10 -20.02
CA LEU B 375 7.34 21.54 -19.51
C LEU B 375 6.65 22.53 -20.45
N ASN B 376 7.44 23.36 -21.12
CA ASN B 376 6.90 24.38 -22.01
C ASN B 376 6.36 23.80 -23.31
N THR B 377 6.79 22.60 -23.72
CA THR B 377 6.35 22.03 -24.99
C THR B 377 5.70 20.66 -24.89
N ALA B 378 5.86 19.93 -23.79
CA ALA B 378 5.30 18.59 -23.64
C ALA B 378 4.00 18.64 -22.84
N ARG B 379 3.14 17.67 -23.07
CA ARG B 379 1.90 17.65 -22.30
C ARG B 379 2.13 16.95 -20.96
N VAL B 380 1.22 17.21 -20.03
CA VAL B 380 1.29 16.69 -18.68
C VAL B 380 0.36 15.49 -18.52
N LEU B 381 0.92 14.35 -18.12
CA LEU B 381 0.16 13.15 -17.79
C LEU B 381 0.28 12.88 -16.30
N VAL B 382 -0.82 12.51 -15.65
CA VAL B 382 -0.77 12.07 -14.26
C VAL B 382 -1.75 10.93 -14.02
N ALA B 384 -4.69 10.35 -13.45
CA ALA B 384 -4.99 10.54 -12.04
C ALA B 384 -6.49 10.54 -11.81
N THR B 385 -7.07 9.34 -11.88
CA THR B 385 -8.50 9.11 -11.74
C THR B 385 -8.72 8.25 -10.51
N PRO B 386 -9.96 8.10 -10.01
CA PRO B 386 -10.15 7.33 -8.77
C PRO B 386 -9.75 5.88 -8.96
N GLY B 387 -9.11 5.33 -7.93
CA GLY B 387 -8.64 3.96 -7.94
C GLY B 387 -7.44 3.72 -8.81
N VAL B 388 -6.67 4.76 -9.13
CA VAL B 388 -5.53 4.59 -10.02
C VAL B 388 -4.39 3.88 -9.29
N LYS B 389 -4.32 4.01 -7.97
CA LYS B 389 -3.31 3.25 -7.22
C LYS B 389 -3.71 1.78 -7.08
N ARG B 390 -5.01 1.51 -6.96
CA ARG B 390 -5.49 0.13 -7.07
C ARG B 390 -5.23 -0.44 -8.47
N LEU B 391 -5.45 0.37 -9.50
CA LEU B 391 -5.18 -0.08 -10.87
C LEU B 391 -3.71 -0.40 -11.04
N GLN B 392 -2.83 0.48 -10.55
CA GLN B 392 -1.41 0.23 -10.61
C GLN B 392 -1.05 -1.05 -9.87
N SER B 393 -1.62 -1.25 -8.67
CA SER B 393 -1.30 -2.44 -7.89
C SER B 393 -1.73 -3.70 -8.64
N ILE B 394 -2.93 -3.70 -9.22
CA ILE B 394 -3.41 -4.88 -9.94
C ILE B 394 -2.51 -5.20 -11.12
N ILE B 395 -2.17 -4.17 -11.91
CA ILE B 395 -1.39 -4.41 -13.11
C ILE B 395 0.03 -4.85 -12.76
N TYR B 396 0.67 -4.15 -11.82
CA TYR B 396 2.03 -4.49 -11.42
C TYR B 396 2.11 -5.92 -10.89
N THR B 397 1.09 -6.34 -10.13
CA THR B 397 1.12 -7.69 -9.59
C THR B 397 1.05 -8.74 -10.70
N GLN B 398 0.12 -8.56 -11.63
CA GLN B 398 0.00 -9.52 -12.73
C GLN B 398 1.21 -9.49 -13.65
N LEU B 399 1.72 -8.29 -13.95
CA LEU B 399 2.94 -8.19 -14.76
C LEU B 399 4.12 -8.86 -14.08
N GLN B 400 4.19 -8.78 -12.75
CA GLN B 400 5.25 -9.45 -12.01
C GLN B 400 5.19 -10.96 -12.18
N ARG B 401 3.97 -11.52 -12.21
CA ARG B 401 3.84 -12.95 -12.50
C ARG B 401 4.35 -13.29 -13.88
N ALA B 402 4.17 -12.41 -14.84
CA ALA B 402 4.65 -12.71 -16.18
C ALA B 402 6.16 -12.53 -16.31
N MSE B 403 6.72 -11.54 -15.62
CA MSE B 403 8.16 -11.30 -15.68
C MSE B 403 8.94 -12.45 -15.07
O MSE B 403 9.98 -12.85 -15.58
CB MSE B 403 8.50 -9.99 -14.97
CG MSE B 403 8.21 -8.76 -15.81
SE MSE B 403 8.13 -7.13 -14.73
CE MSE B 403 9.97 -7.01 -14.17
N LEU B 404 8.42 -13.00 -13.98
CA LEU B 404 9.04 -14.13 -13.30
C LEU B 404 8.81 -15.44 -14.02
N GLY B 405 8.12 -15.43 -15.17
CA GLY B 405 7.90 -16.66 -15.92
C GLY B 405 6.85 -17.57 -15.33
N GLN B 406 5.99 -17.07 -14.45
CA GLN B 406 4.97 -17.90 -13.84
C GLN B 406 3.73 -18.05 -14.73
N ILE B 407 3.42 -17.05 -15.55
CA ILE B 407 2.34 -17.09 -16.52
C ILE B 407 2.83 -16.36 -17.76
N SER B 408 2.07 -16.49 -18.85
CA SER B 408 2.45 -15.73 -20.02
C SER B 408 1.96 -14.28 -19.87
N SER B 409 2.53 -13.41 -20.71
CA SER B 409 2.13 -12.00 -20.70
C SER B 409 0.65 -11.85 -21.02
N ASP B 410 0.18 -12.56 -22.04
CA ASP B 410 -1.23 -12.47 -22.44
C ASP B 410 -2.15 -12.87 -21.30
N GLN B 411 -1.78 -13.91 -20.54
CA GLN B 411 -2.59 -14.31 -19.40
C GLN B 411 -2.56 -13.26 -18.30
N ALA B 412 -1.41 -12.62 -18.10
CA ALA B 412 -1.35 -11.56 -17.09
C ALA B 412 -2.30 -10.42 -17.43
N VAL B 413 -2.35 -10.03 -18.70
CA VAL B 413 -3.27 -8.97 -19.14
C VAL B 413 -4.70 -9.37 -18.81
N LEU B 414 -5.08 -10.60 -19.17
CA LEU B 414 -6.44 -11.06 -18.97
C LEU B 414 -6.78 -11.11 -17.49
N GLU B 415 -5.89 -11.64 -16.66
CA GLU B 415 -6.13 -11.66 -15.23
C GLU B 415 -6.22 -10.26 -14.66
N ALA B 416 -5.36 -9.35 -15.12
CA ALA B 416 -5.42 -7.96 -14.67
C ALA B 416 -6.75 -7.33 -15.04
N GLU B 417 -7.21 -7.55 -16.28
CA GLU B 417 -8.48 -7.00 -16.72
C GLU B 417 -9.64 -7.51 -15.85
N GLN B 418 -9.68 -8.82 -15.60
CA GLN B 418 -10.78 -9.39 -14.85
C GLN B 418 -10.72 -8.97 -13.38
N GLN B 419 -9.50 -8.88 -12.83
CA GLN B 419 -9.35 -8.44 -11.45
C GLN B 419 -9.80 -7.00 -11.27
N TRP B 420 -9.40 -6.12 -12.19
CA TRP B 420 -9.83 -4.72 -12.11
C TRP B 420 -11.34 -4.59 -12.28
N ASN B 421 -11.92 -5.31 -13.23
CA ASN B 421 -13.34 -5.16 -13.48
C ASN B 421 -14.18 -5.67 -12.33
N ARG B 422 -13.70 -6.68 -11.59
CA ARG B 422 -14.35 -7.02 -10.33
C ARG B 422 -14.33 -5.83 -9.37
N TYR B 423 -13.17 -5.18 -9.24
CA TYR B 423 -13.07 -4.01 -8.37
C TYR B 423 -13.96 -2.88 -8.86
N ALA B 424 -13.97 -2.64 -10.17
CA ALA B 424 -14.73 -1.51 -10.70
C ALA B 424 -16.23 -1.76 -10.63
N SER B 425 -16.64 -3.03 -10.71
CA SER B 425 -18.06 -3.35 -10.56
C SER B 425 -18.50 -3.24 -9.10
N ALA B 426 -17.58 -3.42 -8.16
CA ALA B 426 -17.92 -3.28 -6.75
C ALA B 426 -17.92 -1.82 -6.31
N ARG B 427 -17.01 -1.02 -6.85
CA ARG B 427 -16.92 0.38 -6.44
C ARG B 427 -17.93 1.26 -7.19
N TRP B 428 -18.12 1.00 -8.48
CA TRP B 428 -19.05 1.78 -9.31
C TRP B 428 -20.00 0.82 -10.01
N PRO B 429 -21.03 0.32 -9.30
CA PRO B 429 -21.98 -0.64 -9.87
C PRO B 429 -22.67 -0.16 -11.15
C1 EDO C . -9.96 -35.11 -0.69
O1 EDO C . -9.10 -35.78 0.18
C2 EDO C . -9.45 -35.10 -2.12
O2 EDO C . -10.45 -34.85 -3.02
H11 EDO C . -10.05 -34.19 -0.38
H12 EDO C . -10.83 -35.55 -0.67
HO1 EDO C . -9.41 -35.77 0.97
H21 EDO C . -8.76 -34.43 -2.20
H22 EDO C . -9.06 -35.97 -2.32
HO2 EDO C . -10.42 -34.04 -3.26
C1 GOL D . -27.77 -14.38 20.77
O1 GOL D . -26.50 -14.73 21.23
C2 GOL D . -28.34 -13.25 21.63
O2 GOL D . -28.63 -12.11 20.87
C3 GOL D . -29.63 -13.74 22.27
O3 GOL D . -30.25 -12.64 22.87
H11 GOL D . -28.36 -15.15 20.82
H12 GOL D . -27.71 -14.08 19.85
HO1 GOL D . -26.46 -15.57 21.37
H2 GOL D . -27.70 -13.02 22.33
HO2 GOL D . -27.94 -11.88 20.43
H31 GOL D . -30.21 -14.12 21.60
H32 GOL D . -29.42 -14.41 22.94
HO3 GOL D . -30.05 -12.62 23.70
C1 EDO E . 7.90 37.62 -11.09
O1 EDO E . 8.67 38.06 -10.02
C2 EDO E . 6.47 37.90 -10.91
O2 EDO E . 5.71 37.48 -12.00
H11 EDO E . 8.02 36.65 -11.20
H12 EDO E . 8.20 38.06 -11.92
HO1 EDO E . 9.40 38.39 -10.31
H21 EDO E . 6.34 38.87 -10.77
H22 EDO E . 6.16 37.44 -10.11
HO2 EDO E . 5.46 36.69 -11.88
C1 GOL F . -1.61 38.37 -9.79
O1 GOL F . -0.69 37.29 -9.88
C2 GOL F . -1.81 38.81 -8.37
O2 GOL F . -2.26 40.16 -8.35
C3 GOL F . -2.77 37.91 -7.61
O3 GOL F . -2.80 38.19 -6.22
H11 GOL F . -2.47 38.10 -10.18
H12 GOL F . -1.25 39.13 -10.32
HO1 GOL F . -0.56 36.99 -9.10
H2 GOL F . -0.93 38.77 -7.91
HO2 GOL F . -2.42 40.39 -9.14
H31 GOL F . -2.49 36.96 -7.74
H32 GOL F . -3.67 38.02 -7.98
HO3 GOL F . -2.82 39.03 -6.12
#